data_8FRN
#
_entry.id   8FRN
#
loop_
_entity.id
_entity.type
_entity.pdbx_description
1 polymer 'Lipopolysaccharide export system ATP-binding protein LptB'
2 polymer 'Lipopolysaccharide export system permease protein LptF'
3 polymer 'LPS export ABC transporter permease LptG'
4 non-polymer '(2~{R},4~{R},5~{R},6~{R})-6-[(1~{R})-1,2-bis(oxidanyl)ethyl]-2-[(2~{R},4~{R},5~{R},6~{R})-6-[(1~{R})-1,2-bis(oxidanyl)ethyl]-5-[(2~{S},3~{S},4~{R},5~{R},6~{R})-6-[(1~{S})-1,2-bis(oxidanyl)ethyl]-4-[(2~{R},3~{S},4~{R},5~{S},6~{R})-6-[(1~{S})-2-[(2~{S},3~{S},4~{S},5~{S},6~{R})-6-[(1~{S})-1,2-bis(oxidanyl)ethyl]-3,4,5-tris(oxidanyl)oxan-2-yl]oxy-1-oxidanyl-ethyl]-3,4-bis(oxidanyl)-5-phosphonooxy-oxan-2-yl]oxy-3-oxidanyl-5-phosphonooxy-oxan-2-yl]oxy-2-carboxy-2-[[(2~{R},3~{S},4~{R},5~{R},6~{R})-5-[[(3~{R})-3-dodecanoyloxytetradecanoyl]amino]-6-[[(2~{R},3~{S},4~{R},5~{R},6~{R})-3-oxidanyl-5-[[(3~{R})-3-oxidanyltetradecanoyl]amino]-4-[(3~{R})-3-oxidanyltetradecanoyl]oxy-6-phosphonooxy-oxan-2-yl]methoxy]-3-phosphonooxy-4-[(3~{R})-3-tetradecanoyloxytetradecanoyl]oxy-oxan-2-yl]methoxy]oxan-4-yl]oxy-4,5-bis(oxidanyl)oxane-2-carboxylic acid'
5 non-polymer Zosurabalpin
6 non-polymer DODECYL-BETA-D-MALTOSIDE
#
loop_
_entity_poly.entity_id
_entity_poly.type
_entity_poly.pdbx_seq_one_letter_code
_entity_poly.pdbx_strand_id
1 'polypeptide(L)'
;MHHHHHHHMEQIAQQQPQTLCIKHLAKNYSKRWVVKDVSFEMQSGQIVGLLGPNGAGKTTSFYMVVGLVRMDKGEIHLDN
LDLSDLAMHERARKGIGYLPQEASIFRKLTIAENIMAILETRKDLNKQQRQQRLQELLNDFKITHIKDSLGMSVSGGERR
RAEIARALAADPKFMLLDEPFAGVDPISVGDIKDIIRNLKDRGIGVLITDHNVRETLAICEHAYIVSEGAVIAEGSPQDI
LENEQVRKVYLGDDFTV
;
A,B
2 'polypeptide(L)'
;MIIRRYLVKQVVSTSLVVIALLTLIMMGGRLIKYFGVAAQGRLDAGVLFSIIGYRMPEFLTLILPLGFFIGLMLVFGRLY
VDHEMAVLNGSGISRIRLGQLLIPLALVFLVIQGILMLWMTPWGLRQFDQLSSSQAVRTGFDLVRPKEFISSGPYTIYAG
DLSEDRKNLKDIFFYQRAQKEGKPDVMILAKEATRVVMENETANVVDLIQGRRYEIYPGKAKYSQAEFQRYRLRLENDKS
ATFETDKVEALPSSKLWNKWNDPVIASEMGWRVFGPFTIVIALMMAVALCEVSPRQGRYYRLIPAIFIFASLIVLLIAIR
TRISRDELGVWAYPAALAVYGIAAALFSRKQKLAPKIKKQIKRVRA
;
F
3 'polypeptide(L)'
;MLARRIVAKHVTKTTALAMLGTTIVLVILQVLFTYLGELSNLKADYSAWQAFLYVLWGAPRYLYEILPISALIGAILGLG
TLASNSELIVMRSVGISLWRIVGWVIRSALVLVLLSFALSEWVVPYTNERANSVKSHQSVAALGEVRGYWSREGQRFIYV
DYANSQGQLKRIQVVDFDDNYRLKSVTNAEQGQFVKDGQWLLNHSQQMAIQGQGDAVLANAAKQPFSLALQPKYVHMVTI
DPEDLSFSQLVSFMNYMREYSQVPKTYQLAFWKKVASPFALITLVLVACSFIFGPLRQQSMGFRLVIALFIGLGFYYLQD
FLGYASLVYNPSPAWFVLGPIVLMFVAGSYLLYRAR
;
G
#
# COMPACT_ATOMS: atom_id res chain seq x y z
N GLN A 18 -30.12 23.84 -23.34
CA GLN A 18 -30.20 23.46 -24.78
C GLN A 18 -28.80 23.54 -25.40
N THR A 19 -28.06 24.62 -25.17
CA THR A 19 -26.75 24.78 -25.85
C THR A 19 -25.59 24.88 -24.85
N LEU A 20 -24.88 23.78 -24.60
CA LEU A 20 -23.70 23.87 -23.76
C LEU A 20 -22.61 24.60 -24.51
N CYS A 21 -22.16 25.73 -23.98
CA CYS A 21 -21.16 26.57 -24.63
C CYS A 21 -19.89 26.54 -23.79
N ILE A 22 -18.77 26.19 -24.42
CA ILE A 22 -17.47 26.16 -23.77
C ILE A 22 -16.56 27.14 -24.51
N LYS A 23 -15.93 28.04 -23.75
CA LYS A 23 -15.14 29.11 -24.35
C LYS A 23 -13.77 29.18 -23.69
N HIS A 24 -12.72 29.13 -24.53
CA HIS A 24 -11.36 29.50 -24.14
C HIS A 24 -10.88 28.73 -22.91
N LEU A 25 -11.06 27.42 -22.94
CA LEU A 25 -10.54 26.57 -21.87
C LEU A 25 -9.02 26.64 -21.84
N ALA A 26 -8.45 26.53 -20.64
CA ALA A 26 -7.02 26.52 -20.48
C ALA A 26 -6.66 25.82 -19.18
N LYS A 27 -5.50 25.18 -19.16
CA LYS A 27 -5.04 24.42 -18.00
C LYS A 27 -3.56 24.13 -18.13
N ASN A 28 -2.77 24.50 -17.12
CA ASN A 28 -1.33 24.27 -17.14
C ASN A 28 -0.96 23.26 -16.06
N TYR A 29 -0.23 22.22 -16.47
CA TYR A 29 0.22 21.17 -15.58
C TYR A 29 1.74 21.22 -15.51
N SER A 30 2.27 21.34 -14.30
CA SER A 30 3.72 21.41 -14.07
C SER A 30 4.35 22.52 -14.91
N LYS A 31 3.75 23.72 -14.86
CA LYS A 31 4.27 24.89 -15.64
C LYS A 31 4.29 24.57 -17.14
N ARG A 32 3.38 23.72 -17.63
CA ARG A 32 3.25 23.46 -19.05
C ARG A 32 1.78 23.56 -19.42
N TRP A 33 1.45 24.46 -20.35
CA TRP A 33 0.05 24.69 -20.70
C TRP A 33 -0.49 23.54 -21.52
N VAL A 34 -1.14 22.58 -20.85
CA VAL A 34 -1.68 21.41 -21.56
C VAL A 34 -2.78 21.83 -22.52
N VAL A 35 -3.66 22.71 -22.10
CA VAL A 35 -4.79 23.18 -22.90
C VAL A 35 -4.65 24.67 -23.09
N LYS A 36 -4.73 25.12 -24.34
CA LYS A 36 -4.61 26.54 -24.69
C LYS A 36 -5.73 26.91 -25.65
N ASP A 37 -6.73 27.63 -25.14
CA ASP A 37 -7.81 28.18 -25.96
C ASP A 37 -8.56 27.09 -26.72
N VAL A 38 -9.23 26.25 -25.94
CA VAL A 38 -10.14 25.24 -26.47
C VAL A 38 -11.56 25.74 -26.26
N SER A 39 -12.33 25.82 -27.34
CA SER A 39 -13.69 26.34 -27.28
C SER A 39 -14.56 25.57 -28.27
N PHE A 40 -15.66 25.00 -27.79
CA PHE A 40 -16.58 24.27 -28.64
C PHE A 40 -17.99 24.41 -28.07
N GLU A 41 -18.97 24.19 -28.95
CA GLU A 41 -20.38 24.32 -28.59
C GLU A 41 -21.11 23.02 -28.90
N MET A 42 -21.88 22.54 -27.93
CA MET A 42 -22.68 21.34 -28.09
C MET A 42 -24.13 21.65 -27.72
N GLN A 43 -25.06 21.24 -28.58
CA GLN A 43 -26.48 21.44 -28.36
C GLN A 43 -27.12 20.14 -27.85
N SER A 44 -28.29 20.30 -27.26
CA SER A 44 -29.05 19.14 -26.80
C SER A 44 -29.55 18.32 -28.00
N GLY A 45 -29.50 17.00 -27.86
CA GLY A 45 -29.89 16.13 -28.95
C GLY A 45 -28.87 16.01 -30.06
N GLN A 46 -27.65 16.48 -29.85
CA GLN A 46 -26.60 16.44 -30.86
C GLN A 46 -25.39 15.71 -30.28
N ILE A 47 -24.78 14.85 -31.10
CA ILE A 47 -23.62 14.09 -30.69
C ILE A 47 -22.36 14.82 -31.17
N VAL A 48 -21.49 15.17 -30.25
CA VAL A 48 -20.27 15.91 -30.54
C VAL A 48 -19.08 15.08 -30.09
N GLY A 49 -18.13 14.86 -30.99
CA GLY A 49 -16.95 14.09 -30.69
C GLY A 49 -15.75 15.00 -30.47
N LEU A 50 -15.19 14.93 -29.26
CA LEU A 50 -14.01 15.73 -28.90
C LEU A 50 -12.79 14.84 -29.09
N LEU A 51 -12.21 14.90 -30.28
CA LEU A 51 -11.09 14.05 -30.67
C LEU A 51 -9.82 14.88 -30.75
N GLY A 52 -8.73 14.20 -31.12
CA GLY A 52 -7.44 14.84 -31.25
C GLY A 52 -6.32 13.88 -30.94
N PRO A 53 -5.08 14.31 -31.17
CA PRO A 53 -3.93 13.45 -30.85
C PRO A 53 -3.88 13.14 -29.36
N ASN A 54 -3.38 11.95 -29.05
CA ASN A 54 -3.26 11.54 -27.65
C ASN A 54 -2.31 12.47 -26.90
N GLY A 55 -2.75 12.93 -25.74
CA GLY A 55 -1.95 13.83 -24.94
C GLY A 55 -1.88 15.25 -25.44
N ALA A 56 -2.68 15.60 -26.44
CA ALA A 56 -2.69 16.95 -27.01
C ALA A 56 -3.70 17.86 -26.33
N GLY A 57 -4.35 17.40 -25.27
CA GLY A 57 -5.31 18.21 -24.55
C GLY A 57 -6.76 17.84 -24.78
N LYS A 58 -7.05 16.78 -25.54
CA LYS A 58 -8.43 16.37 -25.71
C LYS A 58 -8.99 15.72 -24.46
N THR A 59 -8.15 15.00 -23.70
CA THR A 59 -8.60 14.39 -22.46
C THR A 59 -8.76 15.43 -21.35
N THR A 60 -7.79 16.35 -21.23
CA THR A 60 -7.86 17.37 -20.20
C THR A 60 -9.01 18.34 -20.45
N SER A 61 -9.20 18.75 -21.71
CA SER A 61 -10.31 19.65 -22.02
C SER A 61 -11.65 18.99 -21.76
N PHE A 62 -11.74 17.68 -21.96
CA PHE A 62 -12.97 16.97 -21.64
C PHE A 62 -13.24 17.01 -20.13
N TYR A 63 -12.20 16.86 -19.33
CA TYR A 63 -12.39 16.80 -17.88
C TYR A 63 -12.80 18.16 -17.31
N MET A 64 -12.28 19.26 -17.88
CA MET A 64 -12.72 20.57 -17.42
C MET A 64 -14.20 20.80 -17.71
N VAL A 65 -14.73 20.18 -18.77
CA VAL A 65 -16.15 20.27 -19.05
C VAL A 65 -16.94 19.48 -18.01
N VAL A 66 -16.48 18.29 -17.66
CA VAL A 66 -17.16 17.49 -16.65
C VAL A 66 -17.04 18.14 -15.29
N GLY A 67 -15.82 18.51 -14.89
CA GLY A 67 -15.59 19.10 -13.60
C GLY A 67 -14.54 18.36 -12.78
N LEU A 68 -13.84 17.43 -13.43
CA LEU A 68 -12.83 16.61 -12.72
C LEU A 68 -11.49 17.33 -12.73
N VAL A 69 -11.42 18.53 -13.31
CA VAL A 69 -10.17 19.34 -13.27
C VAL A 69 -10.51 20.82 -13.31
N ARG A 70 -9.84 21.65 -12.51
CA ARG A 70 -10.20 23.07 -12.41
C ARG A 70 -9.80 23.84 -13.67
N MET A 71 -10.76 24.49 -14.33
CA MET A 71 -10.48 25.33 -15.54
C MET A 71 -9.66 26.53 -15.10
N ASP A 72 -8.39 26.59 -15.51
CA ASP A 72 -7.55 27.72 -15.02
C ASP A 72 -7.93 29.01 -15.75
N LYS A 73 -8.61 28.91 -16.90
CA LYS A 73 -8.98 30.08 -17.67
C LYS A 73 -10.13 29.70 -18.59
N GLY A 74 -11.06 30.63 -18.79
CA GLY A 74 -12.18 30.40 -19.68
C GLY A 74 -13.49 30.37 -18.91
N GLU A 75 -14.53 29.91 -19.62
CA GLU A 75 -15.87 29.86 -19.04
C GLU A 75 -16.67 28.76 -19.73
N ILE A 76 -17.69 28.29 -19.03
CA ILE A 76 -18.62 27.28 -19.54
C ILE A 76 -20.03 27.80 -19.32
N HIS A 77 -20.83 27.79 -20.38
CA HIS A 77 -22.19 28.31 -20.32
C HIS A 77 -23.19 27.26 -20.78
N LEU A 78 -24.38 27.29 -20.18
CA LEU A 78 -25.48 26.39 -20.62
C LEU A 78 -26.71 27.27 -20.75
N ASP A 79 -26.96 27.84 -21.93
CA ASP A 79 -28.18 28.67 -22.17
C ASP A 79 -28.27 29.77 -21.11
N ASN A 80 -27.33 30.73 -21.15
CA ASN A 80 -27.34 31.88 -20.20
C ASN A 80 -27.35 31.39 -18.75
N LEU A 81 -26.42 30.50 -18.40
CA LEU A 81 -26.28 30.00 -17.01
C LEU A 81 -24.83 29.56 -16.82
N ASP A 82 -24.01 30.42 -16.23
CA ASP A 82 -22.60 30.08 -16.06
C ASP A 82 -22.44 28.84 -15.19
N LEU A 83 -21.61 27.90 -15.66
CA LEU A 83 -21.28 26.70 -14.90
C LEU A 83 -19.80 26.61 -14.56
N SER A 84 -19.01 27.65 -14.86
CA SER A 84 -17.58 27.57 -14.61
C SER A 84 -17.27 27.46 -13.12
N ASP A 85 -17.99 28.20 -12.29
CA ASP A 85 -17.73 28.21 -10.85
C ASP A 85 -18.38 27.05 -10.13
N LEU A 86 -19.33 26.35 -10.75
CA LEU A 86 -20.01 25.25 -10.10
C LEU A 86 -19.14 24.00 -10.11
N ALA A 87 -19.17 23.25 -9.00
CA ALA A 87 -18.42 22.01 -8.92
C ALA A 87 -19.07 20.93 -9.75
N MET A 88 -18.51 19.72 -9.69
CA MET A 88 -19.02 18.62 -10.51
C MET A 88 -20.45 18.27 -10.14
N HIS A 89 -20.76 18.23 -8.84
CA HIS A 89 -22.10 17.85 -8.41
C HIS A 89 -23.11 18.95 -8.68
N GLU A 90 -22.69 20.21 -8.70
CA GLU A 90 -23.61 21.30 -8.96
C GLU A 90 -23.98 21.40 -10.44
N ARG A 91 -23.07 21.02 -11.34
CA ARG A 91 -23.40 20.95 -12.75
C ARG A 91 -24.32 19.76 -13.04
N ALA A 92 -24.16 18.66 -12.29
CA ALA A 92 -24.98 17.49 -12.52
C ALA A 92 -26.46 17.79 -12.25
N ARG A 93 -26.69 18.74 -11.34
CA ARG A 93 -28.09 19.15 -11.07
C ARG A 93 -28.57 20.01 -12.24
N LYS A 94 -27.64 20.58 -13.01
CA LYS A 94 -28.02 21.44 -14.16
C LYS A 94 -28.28 20.57 -15.39
N GLY A 95 -28.08 19.25 -15.28
CA GLY A 95 -28.39 18.37 -16.39
C GLY A 95 -27.19 17.90 -17.17
N ILE A 96 -26.05 17.77 -16.50
CA ILE A 96 -24.80 17.32 -17.14
C ILE A 96 -24.38 16.01 -16.48
N GLY A 97 -24.29 14.95 -17.27
CA GLY A 97 -23.92 13.65 -16.74
C GLY A 97 -22.52 13.22 -17.09
N TYR A 98 -22.00 12.22 -16.38
CA TYR A 98 -20.66 11.71 -16.63
C TYR A 98 -20.69 10.19 -16.59
N LEU A 99 -20.03 9.56 -17.56
CA LEU A 99 -19.92 8.11 -17.61
C LEU A 99 -18.44 7.73 -17.70
N PRO A 100 -17.83 7.33 -16.59
CA PRO A 100 -16.41 7.01 -16.61
C PRO A 100 -16.11 5.83 -17.52
N GLN A 101 -14.93 5.88 -18.15
CA GLN A 101 -14.50 4.79 -19.01
C GLN A 101 -14.33 3.50 -18.22
N GLU A 102 -13.72 3.60 -17.04
CA GLU A 102 -13.51 2.43 -16.21
C GLU A 102 -14.81 2.01 -15.54
N ALA A 103 -14.80 0.81 -14.96
CA ALA A 103 -15.99 0.27 -14.30
C ALA A 103 -16.39 1.14 -13.12
N SER A 104 -17.52 1.83 -13.25
CA SER A 104 -18.00 2.74 -12.22
C SER A 104 -19.30 2.28 -11.59
N ILE A 105 -19.67 1.02 -11.75
CA ILE A 105 -20.89 0.50 -11.14
C ILE A 105 -20.65 0.34 -9.64
N PHE A 106 -21.71 0.50 -8.85
CA PHE A 106 -21.62 0.23 -7.42
C PHE A 106 -21.46 -1.28 -7.24
N ARG A 107 -20.25 -1.71 -6.86
CA ARG A 107 -19.86 -3.11 -7.01
C ARG A 107 -20.76 -4.02 -6.20
N LYS A 108 -21.04 -3.68 -4.95
CA LYS A 108 -21.78 -4.55 -4.05
C LYS A 108 -23.25 -4.14 -3.94
N LEU A 109 -23.79 -3.48 -4.95
CA LEU A 109 -25.20 -3.14 -5.02
C LEU A 109 -25.85 -3.87 -6.19
N THR A 110 -27.10 -4.27 -5.99
CA THR A 110 -27.86 -4.92 -7.04
C THR A 110 -28.08 -3.95 -8.20
N ILE A 111 -28.12 -4.50 -9.43
CA ILE A 111 -28.30 -3.66 -10.61
C ILE A 111 -29.59 -2.86 -10.51
N ALA A 112 -30.66 -3.48 -10.01
CA ALA A 112 -31.89 -2.73 -9.78
C ALA A 112 -31.68 -1.64 -8.74
N GLU A 113 -30.82 -1.90 -7.75
CA GLU A 113 -30.51 -0.90 -6.75
C GLU A 113 -29.55 0.17 -7.28
N ASN A 114 -28.72 -0.17 -8.27
CA ASN A 114 -27.85 0.83 -8.87
C ASN A 114 -28.66 1.93 -9.53
N ILE A 115 -29.67 1.55 -10.33
CA ILE A 115 -30.55 2.53 -10.94
C ILE A 115 -31.43 3.19 -9.88
N MET A 116 -31.86 2.42 -8.89
CA MET A 116 -32.75 2.96 -7.85
C MET A 116 -32.02 3.92 -6.93
N ALA A 117 -30.73 3.68 -6.65
CA ALA A 117 -29.99 4.57 -5.76
C ALA A 117 -29.92 5.98 -6.31
N ILE A 118 -29.94 6.13 -7.63
CA ILE A 118 -29.94 7.45 -8.24
C ILE A 118 -31.36 7.95 -8.50
N LEU A 119 -32.32 7.05 -8.65
CA LEU A 119 -33.70 7.47 -8.83
C LEU A 119 -34.26 8.11 -7.56
N GLU A 120 -33.86 7.60 -6.39
CA GLU A 120 -34.28 8.22 -5.14
C GLU A 120 -33.70 9.60 -4.95
N THR A 121 -32.62 9.93 -5.67
CA THR A 121 -32.08 11.29 -5.63
C THR A 121 -33.04 12.27 -6.27
N ARG A 122 -33.76 11.86 -7.32
CA ARG A 122 -34.69 12.74 -8.01
C ARG A 122 -35.78 13.21 -7.06
N LYS A 123 -36.04 14.52 -7.09
CA LYS A 123 -37.07 15.11 -6.24
C LYS A 123 -38.43 15.14 -6.89
N ASP A 124 -38.48 15.12 -8.22
CA ASP A 124 -39.78 15.23 -8.94
C ASP A 124 -40.37 13.84 -9.23
N LEU A 125 -39.97 12.84 -8.46
CA LEU A 125 -40.47 11.45 -8.66
C LEU A 125 -40.87 10.85 -7.30
N ASN A 126 -42.13 10.42 -7.15
CA ASN A 126 -42.57 9.78 -5.89
C ASN A 126 -42.29 8.28 -5.96
N LYS A 127 -42.55 7.54 -4.88
CA LYS A 127 -42.23 6.09 -4.84
C LYS A 127 -42.84 5.38 -6.05
N GLN A 128 -44.13 5.62 -6.33
CA GLN A 128 -44.80 4.91 -7.44
C GLN A 128 -44.16 5.33 -8.77
N GLN A 129 -43.99 6.63 -8.97
CA GLN A 129 -43.38 7.15 -10.22
C GLN A 129 -41.93 6.63 -10.32
N ARG A 130 -41.32 6.27 -9.20
CA ARG A 130 -39.88 5.88 -9.24
C ARG A 130 -39.79 4.41 -9.62
N GLN A 131 -40.68 3.58 -9.07
CA GLN A 131 -40.68 2.13 -9.38
C GLN A 131 -40.96 1.96 -10.87
N GLN A 132 -41.90 2.73 -11.41
CA GLN A 132 -42.23 2.66 -12.85
C GLN A 132 -40.98 3.02 -13.65
N ARG A 133 -40.37 4.15 -13.36
CA ARG A 133 -39.21 4.60 -14.12
C ARG A 133 -38.09 3.56 -14.09
N LEU A 134 -37.86 2.95 -12.92
CA LEU A 134 -36.85 1.89 -12.84
C LEU A 134 -37.23 0.70 -13.70
N GLN A 135 -38.52 0.36 -13.69
CA GLN A 135 -38.99 -0.82 -14.47
C GLN A 135 -38.72 -0.55 -15.95
N GLU A 136 -39.09 0.64 -16.45
CA GLU A 136 -38.92 0.93 -17.86
C GLU A 136 -37.46 1.19 -18.21
N LEU A 137 -36.65 1.68 -17.28
CA LEU A 137 -35.23 1.83 -17.53
C LEU A 137 -34.55 0.47 -17.69
N LEU A 138 -34.94 -0.50 -16.86
CA LEU A 138 -34.41 -1.86 -17.00
C LEU A 138 -34.83 -2.47 -18.33
N ASN A 139 -36.07 -2.21 -18.75
CA ASN A 139 -36.58 -2.84 -20.00
C ASN A 139 -35.90 -2.19 -21.21
N ASP A 140 -35.71 -0.87 -21.16
CA ASP A 140 -35.09 -0.14 -22.30
C ASP A 140 -33.70 -0.72 -22.59
N PHE A 141 -32.97 -1.11 -21.56
CA PHE A 141 -31.58 -1.58 -21.77
C PHE A 141 -31.53 -3.10 -21.66
N LYS A 142 -32.66 -3.80 -21.74
CA LYS A 142 -32.64 -5.29 -21.76
C LYS A 142 -31.78 -5.85 -20.63
N ILE A 143 -31.87 -5.29 -19.42
CA ILE A 143 -31.18 -5.82 -18.25
C ILE A 143 -32.15 -6.25 -17.17
N THR A 144 -33.46 -6.28 -17.47
CA THR A 144 -34.44 -6.69 -16.48
C THR A 144 -34.30 -8.15 -16.08
N HIS A 145 -33.65 -8.97 -16.91
CA HIS A 145 -33.41 -10.36 -16.56
C HIS A 145 -32.27 -10.49 -15.55
N ILE A 146 -31.33 -9.56 -15.55
CA ILE A 146 -30.16 -9.62 -14.69
C ILE A 146 -30.28 -8.57 -13.57
N LYS A 147 -31.50 -8.07 -13.34
CA LYS A 147 -31.73 -6.99 -12.39
C LYS A 147 -31.57 -7.40 -10.94
N ASP A 148 -31.38 -8.68 -10.66
CA ASP A 148 -31.25 -9.16 -9.28
C ASP A 148 -29.83 -9.58 -8.94
N SER A 149 -28.85 -9.27 -9.78
CA SER A 149 -27.46 -9.65 -9.56
C SER A 149 -26.65 -8.45 -9.10
N LEU A 150 -25.49 -8.74 -8.50
CA LEU A 150 -24.63 -7.69 -8.01
C LEU A 150 -23.98 -6.93 -9.16
N GLY A 151 -23.52 -5.72 -8.87
CA GLY A 151 -22.88 -4.91 -9.88
C GLY A 151 -21.55 -5.48 -10.35
N MET A 152 -20.81 -6.13 -9.46
CA MET A 152 -19.49 -6.66 -9.78
C MET A 152 -19.53 -8.07 -10.35
N SER A 153 -20.71 -8.68 -10.45
CA SER A 153 -20.85 -10.05 -10.92
C SER A 153 -21.66 -10.11 -12.21
N VAL A 154 -21.36 -9.20 -13.14
CA VAL A 154 -22.05 -9.14 -14.42
C VAL A 154 -21.02 -9.02 -15.54
N SER A 155 -21.47 -9.28 -16.76
CA SER A 155 -20.60 -9.19 -17.92
C SER A 155 -20.21 -7.73 -18.18
N GLY A 156 -19.10 -7.56 -18.90
CA GLY A 156 -18.64 -6.22 -19.23
C GLY A 156 -19.63 -5.48 -20.10
N GLY A 157 -20.25 -6.17 -21.07
CA GLY A 157 -21.26 -5.53 -21.89
C GLY A 157 -22.51 -5.18 -21.12
N GLU A 158 -22.95 -6.07 -20.23
CA GLU A 158 -24.16 -5.81 -19.45
C GLU A 158 -23.91 -4.76 -18.37
N ARG A 159 -22.69 -4.69 -17.84
CA ARG A 159 -22.38 -3.69 -16.82
C ARG A 159 -22.51 -2.28 -17.36
N ARG A 160 -21.97 -2.04 -18.57
CA ARG A 160 -22.05 -0.70 -19.14
C ARG A 160 -23.48 -0.30 -19.44
N ARG A 161 -24.31 -1.27 -19.85
CA ARG A 161 -25.73 -0.96 -20.04
C ARG A 161 -26.41 -0.60 -18.72
N ALA A 162 -25.92 -1.14 -17.60
CA ALA A 162 -26.44 -0.74 -16.30
C ALA A 162 -25.92 0.63 -15.87
N GLU A 163 -24.72 1.01 -16.32
CA GLU A 163 -24.20 2.33 -15.99
C GLU A 163 -24.88 3.42 -16.79
N ILE A 164 -25.38 3.10 -17.99
CA ILE A 164 -26.10 4.09 -18.79
C ILE A 164 -27.53 4.20 -18.32
N ALA A 165 -28.15 3.08 -17.92
CA ALA A 165 -29.46 3.14 -17.31
C ALA A 165 -29.42 3.90 -15.99
N ARG A 166 -28.36 3.71 -15.21
CA ARG A 166 -28.18 4.47 -13.99
C ARG A 166 -27.98 5.96 -14.28
N ALA A 167 -27.21 6.27 -15.33
CA ALA A 167 -26.98 7.67 -15.70
C ALA A 167 -28.27 8.35 -16.13
N LEU A 168 -29.12 7.64 -16.88
CA LEU A 168 -30.40 8.21 -17.29
C LEU A 168 -31.36 8.38 -16.12
N ALA A 169 -31.14 7.66 -15.02
CA ALA A 169 -32.00 7.84 -13.85
C ALA A 169 -31.86 9.24 -13.26
N ALA A 170 -30.67 9.83 -13.37
CA ALA A 170 -30.45 11.20 -12.93
C ALA A 170 -31.06 12.23 -13.87
N ASP A 171 -31.61 11.79 -15.00
CA ASP A 171 -32.24 12.64 -16.01
C ASP A 171 -31.29 13.75 -16.47
N PRO A 172 -30.23 13.42 -17.21
CA PRO A 172 -29.32 14.45 -17.71
C PRO A 172 -29.80 15.04 -19.03
N LYS A 173 -29.34 16.26 -19.29
CA LYS A 173 -29.56 16.91 -20.57
C LYS A 173 -28.37 16.80 -21.50
N PHE A 174 -27.17 16.67 -20.95
CA PHE A 174 -25.96 16.40 -21.73
C PHE A 174 -25.20 15.28 -21.05
N MET A 175 -24.85 14.26 -21.83
CA MET A 175 -24.08 13.12 -21.33
C MET A 175 -22.67 13.20 -21.89
N LEU A 176 -21.69 13.22 -21.01
CA LEU A 176 -20.28 13.32 -21.39
C LEU A 176 -19.66 11.93 -21.28
N LEU A 177 -19.61 11.22 -22.40
CA LEU A 177 -19.08 9.87 -22.43
C LEU A 177 -17.56 9.90 -22.55
N ASP A 178 -16.88 9.20 -21.65
CA ASP A 178 -15.43 9.10 -21.66
C ASP A 178 -15.05 7.73 -22.20
N GLU A 179 -14.42 7.71 -23.37
CA GLU A 179 -13.96 6.50 -24.02
C GLU A 179 -15.06 5.41 -24.09
N PRO A 180 -16.18 5.69 -24.75
CA PRO A 180 -17.21 4.64 -24.86
C PRO A 180 -16.74 3.41 -25.61
N PHE A 181 -15.91 3.58 -26.63
CA PHE A 181 -15.37 2.45 -27.40
C PHE A 181 -13.98 2.07 -26.88
N ALA A 182 -13.92 1.72 -25.61
CA ALA A 182 -12.67 1.32 -24.97
C ALA A 182 -12.76 -0.16 -24.61
N GLY A 183 -11.81 -0.94 -25.12
CA GLY A 183 -11.82 -2.38 -24.87
C GLY A 183 -13.06 -3.06 -25.40
N VAL A 184 -13.51 -2.69 -26.59
CA VAL A 184 -14.77 -3.16 -27.15
C VAL A 184 -14.46 -3.89 -28.45
N ASP A 185 -14.94 -5.12 -28.56
CA ASP A 185 -14.73 -5.92 -29.75
C ASP A 185 -15.53 -5.33 -30.92
N PRO A 186 -15.07 -5.56 -32.16
CA PRO A 186 -15.83 -5.05 -33.31
C PRO A 186 -17.26 -5.56 -33.38
N ILE A 187 -17.54 -6.74 -32.83
CA ILE A 187 -18.92 -7.23 -32.78
C ILE A 187 -19.77 -6.32 -31.89
N SER A 188 -19.21 -5.84 -30.79
CA SER A 188 -19.97 -5.07 -29.82
C SER A 188 -19.76 -3.56 -29.95
N VAL A 189 -18.99 -3.11 -30.93
CA VAL A 189 -18.92 -1.68 -31.21
C VAL A 189 -20.28 -1.18 -31.71
N GLY A 190 -20.91 -1.93 -32.60
CA GLY A 190 -22.22 -1.54 -33.09
C GLY A 190 -23.27 -1.46 -32.00
N ASP A 191 -23.16 -2.29 -30.97
CA ASP A 191 -24.08 -2.22 -29.85
C ASP A 191 -23.99 -0.87 -29.13
N ILE A 192 -22.77 -0.37 -28.95
CA ILE A 192 -22.59 0.94 -28.34
C ILE A 192 -23.09 2.04 -29.26
N LYS A 193 -22.95 1.85 -30.58
CA LYS A 193 -23.46 2.85 -31.51
C LYS A 193 -24.96 3.04 -31.35
N ASP A 194 -25.70 1.94 -31.19
CA ASP A 194 -27.15 2.05 -30.98
C ASP A 194 -27.46 2.75 -29.66
N ILE A 195 -26.66 2.49 -28.62
CA ILE A 195 -26.88 3.15 -27.33
C ILE A 195 -26.69 4.65 -27.46
N ILE A 196 -25.58 5.06 -28.09
CA ILE A 196 -25.32 6.49 -28.24
C ILE A 196 -26.33 7.12 -29.19
N ARG A 197 -26.74 6.39 -30.23
CA ARG A 197 -27.79 6.89 -31.11
C ARG A 197 -29.11 7.01 -30.35
N ASN A 198 -29.38 6.07 -29.44
CA ASN A 198 -30.60 6.14 -28.65
C ASN A 198 -30.57 7.32 -27.70
N LEU A 199 -29.40 7.64 -27.14
CA LEU A 199 -29.28 8.81 -26.28
C LEU A 199 -29.59 10.09 -27.03
N LYS A 200 -29.12 10.21 -28.27
CA LYS A 200 -29.48 11.35 -29.09
C LYS A 200 -30.98 11.38 -29.39
N ASP A 201 -31.56 10.21 -29.68
CA ASP A 201 -32.99 10.12 -29.92
C ASP A 201 -33.80 10.41 -28.67
N ARG A 202 -33.17 10.40 -27.49
CA ARG A 202 -33.82 10.73 -26.24
C ARG A 202 -33.77 12.23 -25.95
N GLY A 203 -33.23 13.04 -26.87
CA GLY A 203 -33.10 14.45 -26.62
C GLY A 203 -31.93 14.84 -25.75
N ILE A 204 -30.95 13.95 -25.59
CA ILE A 204 -29.81 14.18 -24.73
C ILE A 204 -28.58 14.36 -25.60
N GLY A 205 -27.94 15.52 -25.48
CA GLY A 205 -26.67 15.73 -26.18
C GLY A 205 -25.60 14.83 -25.60
N VAL A 206 -24.72 14.34 -26.46
CA VAL A 206 -23.66 13.42 -26.08
C VAL A 206 -22.33 13.99 -26.53
N LEU A 207 -21.40 14.14 -25.58
CA LEU A 207 -20.03 14.55 -25.87
C LEU A 207 -19.13 13.33 -25.70
N ILE A 208 -18.40 12.98 -26.75
CA ILE A 208 -17.60 11.76 -26.78
C ILE A 208 -16.15 12.15 -26.97
N THR A 209 -15.29 11.69 -26.07
CA THR A 209 -13.84 11.71 -26.26
C THR A 209 -13.36 10.28 -26.32
N ASP A 210 -12.57 9.96 -27.34
CA ASP A 210 -12.20 8.56 -27.57
C ASP A 210 -10.95 8.51 -28.42
N HIS A 211 -10.12 7.49 -28.16
CA HIS A 211 -8.95 7.24 -28.99
C HIS A 211 -9.33 6.58 -30.31
N ASN A 212 -10.41 5.80 -30.32
CA ASN A 212 -10.87 5.12 -31.52
C ASN A 212 -11.61 6.12 -32.40
N VAL A 213 -10.83 6.88 -33.17
CA VAL A 213 -11.39 7.96 -33.98
C VAL A 213 -12.22 7.42 -35.13
N ARG A 214 -11.87 6.24 -35.66
CA ARG A 214 -12.59 5.71 -36.81
C ARG A 214 -14.05 5.44 -36.49
N GLU A 215 -14.33 4.87 -35.33
CA GLU A 215 -15.70 4.58 -34.95
C GLU A 215 -16.41 5.75 -34.29
N THR A 216 -15.65 6.65 -33.63
CA THR A 216 -16.27 7.84 -33.06
C THR A 216 -16.79 8.77 -34.14
N LEU A 217 -16.08 8.86 -35.26
CA LEU A 217 -16.50 9.69 -36.38
C LEU A 217 -17.73 9.14 -37.10
N ALA A 218 -18.15 7.91 -36.79
CA ALA A 218 -19.28 7.29 -37.47
C ALA A 218 -20.63 7.60 -36.85
N ILE A 219 -20.66 8.26 -35.69
CA ILE A 219 -21.92 8.58 -35.04
C ILE A 219 -22.05 10.08 -34.78
N CYS A 220 -20.92 10.76 -34.62
CA CYS A 220 -20.95 12.17 -34.29
C CYS A 220 -21.27 13.00 -35.54
N GLU A 221 -22.09 14.02 -35.37
CA GLU A 221 -22.40 14.94 -36.45
C GLU A 221 -21.56 16.21 -36.42
N HIS A 222 -20.70 16.36 -35.41
CA HIS A 222 -19.88 17.57 -35.29
C HIS A 222 -18.69 17.22 -34.42
N ALA A 223 -17.50 17.17 -35.01
CA ALA A 223 -16.30 16.72 -34.33
C ALA A 223 -15.32 17.87 -34.16
N TYR A 224 -14.65 17.89 -33.01
CA TYR A 224 -13.64 18.89 -32.70
C TYR A 224 -12.29 18.20 -32.51
N ILE A 225 -11.28 18.65 -33.25
CA ILE A 225 -9.95 18.08 -33.18
C ILE A 225 -9.07 19.01 -32.36
N VAL A 226 -8.60 18.53 -31.22
CA VAL A 226 -7.81 19.33 -30.28
C VAL A 226 -6.35 18.90 -30.42
N SER A 227 -5.54 19.74 -31.03
CA SER A 227 -4.12 19.49 -31.22
C SER A 227 -3.31 20.60 -30.55
N GLU A 228 -2.12 20.22 -30.05
CA GLU A 228 -1.20 21.11 -29.34
C GLU A 228 -1.90 22.02 -28.34
N GLY A 229 -3.00 21.55 -27.77
CA GLY A 229 -3.73 22.28 -26.76
C GLY A 229 -4.82 23.20 -27.26
N ALA A 230 -5.03 23.28 -28.57
CA ALA A 230 -6.03 24.17 -29.15
C ALA A 230 -6.86 23.42 -30.18
N VAL A 231 -8.07 23.91 -30.41
CA VAL A 231 -8.96 23.32 -31.39
C VAL A 231 -8.51 23.74 -32.78
N ILE A 232 -8.14 22.76 -33.61
CA ILE A 232 -7.65 23.03 -34.96
C ILE A 232 -8.64 22.62 -36.04
N ALA A 233 -9.74 21.97 -35.69
CA ALA A 233 -10.72 21.57 -36.68
C ALA A 233 -12.11 21.55 -36.04
N GLU A 234 -13.12 21.65 -36.90
CA GLU A 234 -14.51 21.73 -36.44
C GLU A 234 -15.46 21.48 -37.60
N GLY A 235 -16.48 20.67 -37.39
CA GLY A 235 -17.47 20.41 -38.40
C GLY A 235 -17.82 18.93 -38.44
N SER A 236 -18.52 18.54 -39.50
CA SER A 236 -18.94 17.16 -39.66
C SER A 236 -17.72 16.27 -39.89
N PRO A 237 -17.86 14.96 -39.63
CA PRO A 237 -16.72 14.05 -39.87
C PRO A 237 -16.22 14.08 -41.30
N GLN A 238 -17.09 14.34 -42.27
CA GLN A 238 -16.62 14.48 -43.64
C GLN A 238 -15.68 15.68 -43.78
N ASP A 239 -16.02 16.79 -43.12
CA ASP A 239 -15.15 17.97 -43.17
C ASP A 239 -13.85 17.73 -42.42
N ILE A 240 -13.87 16.93 -41.35
CA ILE A 240 -12.65 16.63 -40.62
C ILE A 240 -11.69 15.83 -41.48
N LEU A 241 -12.22 14.84 -42.21
CA LEU A 241 -11.37 14.00 -43.04
C LEU A 241 -10.71 14.78 -44.16
N GLU A 242 -11.45 15.70 -44.79
CA GLU A 242 -10.89 16.50 -45.87
C GLU A 242 -9.95 17.60 -45.37
N ASN A 243 -9.89 17.85 -44.06
CA ASN A 243 -9.03 18.90 -43.54
C ASN A 243 -7.57 18.47 -43.68
N GLU A 244 -6.77 19.30 -44.37
CA GLU A 244 -5.37 18.97 -44.57
C GLU A 244 -4.54 19.19 -43.31
N GLN A 245 -5.04 20.01 -42.38
CA GLN A 245 -4.31 20.24 -41.13
C GLN A 245 -4.44 19.04 -40.20
N VAL A 246 -5.62 18.41 -40.17
CA VAL A 246 -5.81 17.23 -39.33
C VAL A 246 -5.03 16.05 -39.88
N ARG A 247 -5.08 15.83 -41.20
CA ARG A 247 -4.41 14.69 -41.81
C ARG A 247 -2.89 14.79 -41.74
N LYS A 248 -2.35 15.95 -41.39
CA LYS A 248 -0.91 16.09 -41.22
C LYS A 248 -0.45 15.79 -39.81
N VAL A 249 -1.30 16.00 -38.81
CA VAL A 249 -0.91 15.83 -37.42
C VAL A 249 -1.60 14.65 -36.75
N TYR A 250 -2.85 14.35 -37.10
CA TYR A 250 -3.63 13.35 -36.38
C TYR A 250 -3.96 12.13 -37.23
N LEU A 251 -4.61 12.30 -38.37
CA LEU A 251 -5.19 11.17 -39.08
C LEU A 251 -4.21 10.50 -40.04
N GLY A 252 -3.23 11.23 -40.55
CA GLY A 252 -2.28 10.66 -41.49
C GLY A 252 -2.76 10.74 -42.93
N ASP A 253 -1.87 10.45 -43.88
CA ASP A 253 -2.25 10.63 -45.31
C ASP A 253 -3.48 9.79 -45.68
N ASP A 254 -3.42 8.47 -45.48
CA ASP A 254 -4.56 7.61 -45.93
C ASP A 254 -5.36 7.11 -44.74
N PHE A 255 -6.42 7.82 -44.35
CA PHE A 255 -7.32 7.34 -43.27
C PHE A 255 -8.75 7.30 -43.82
N THR A 256 -9.49 6.22 -43.57
CA THR A 256 -10.87 6.21 -44.03
C THR A 256 -11.77 5.50 -43.02
N GLN B 18 13.90 -21.20 -36.28
CA GLN B 18 13.44 -21.57 -34.94
C GLN B 18 11.92 -21.50 -34.85
N THR B 19 11.32 -22.48 -34.18
CA THR B 19 9.87 -22.56 -34.07
C THR B 19 9.50 -22.63 -32.59
N LEU B 20 8.53 -21.80 -32.18
CA LEU B 20 8.04 -21.80 -30.81
C LEU B 20 6.71 -22.55 -30.77
N CYS B 21 6.82 -23.87 -30.68
CA CYS B 21 5.63 -24.70 -30.59
C CYS B 21 4.95 -24.52 -29.24
N ILE B 22 3.65 -24.24 -29.25
CA ILE B 22 2.86 -24.05 -28.04
C ILE B 22 1.62 -24.91 -28.17
N LYS B 23 1.42 -25.84 -27.23
CA LYS B 23 0.40 -26.87 -27.36
C LYS B 23 -0.47 -26.91 -26.10
N HIS B 24 -1.79 -26.85 -26.30
CA HIS B 24 -2.78 -27.20 -25.28
C HIS B 24 -2.60 -26.38 -24.00
N LEU B 25 -2.49 -25.07 -24.15
CA LEU B 25 -2.45 -24.19 -22.98
C LEU B 25 -3.77 -24.25 -22.23
N ALA B 26 -3.70 -24.08 -20.91
CA ALA B 26 -4.90 -24.08 -20.08
C ALA B 26 -4.60 -23.37 -18.77
N LYS B 27 -5.58 -22.62 -18.28
CA LYS B 27 -5.44 -21.87 -17.05
C LYS B 27 -6.83 -21.55 -16.52
N ASN B 28 -7.00 -21.66 -15.21
CA ASN B 28 -8.27 -21.34 -14.57
C ASN B 28 -8.09 -20.23 -13.54
N TYR B 29 -9.14 -19.44 -13.36
CA TYR B 29 -9.16 -18.34 -12.41
C TYR B 29 -10.51 -18.36 -11.70
N SER B 30 -10.47 -18.41 -10.36
CA SER B 30 -11.69 -18.53 -9.55
C SER B 30 -12.52 -19.73 -9.98
N LYS B 31 -11.85 -20.87 -10.21
CA LYS B 31 -12.53 -22.15 -10.61
C LYS B 31 -13.23 -22.00 -11.97
N ARG B 32 -12.77 -21.07 -12.80
CA ARG B 32 -13.32 -20.93 -14.15
C ARG B 32 -12.16 -20.96 -15.14
N TRP B 33 -12.23 -21.87 -16.11
CA TRP B 33 -11.14 -22.06 -17.07
C TRP B 33 -11.21 -20.95 -18.11
N VAL B 34 -10.41 -19.90 -17.92
CA VAL B 34 -10.37 -18.81 -18.89
C VAL B 34 -9.76 -19.27 -20.21
N VAL B 35 -8.77 -20.16 -20.15
CA VAL B 35 -8.10 -20.68 -21.33
C VAL B 35 -8.28 -22.19 -21.36
N LYS B 36 -8.77 -22.71 -22.48
CA LYS B 36 -9.03 -24.15 -22.63
C LYS B 36 -8.46 -24.61 -23.97
N ASP B 37 -7.30 -25.27 -23.93
CA ASP B 37 -6.69 -25.88 -25.11
C ASP B 37 -6.41 -24.84 -26.20
N VAL B 38 -5.56 -23.88 -25.86
CA VAL B 38 -5.05 -22.91 -26.82
C VAL B 38 -3.70 -23.42 -27.32
N SER B 39 -3.59 -23.64 -28.63
CA SER B 39 -2.37 -24.18 -29.22
C SER B 39 -2.08 -23.46 -30.52
N PHE B 40 -0.86 -22.93 -30.65
CA PHE B 40 -0.44 -22.27 -31.87
C PHE B 40 1.06 -22.39 -32.02
N GLU B 41 1.53 -22.23 -33.25
CA GLU B 41 2.94 -22.36 -33.59
C GLU B 41 3.43 -21.08 -34.24
N MET B 42 4.64 -20.65 -33.85
CA MET B 42 5.25 -19.45 -34.36
C MET B 42 6.68 -19.76 -34.81
N GLN B 43 7.10 -19.13 -35.90
CA GLN B 43 8.44 -19.32 -36.43
C GLN B 43 9.22 -18.02 -36.38
N SER B 44 10.54 -18.15 -36.32
CA SER B 44 11.41 -16.98 -36.29
C SER B 44 11.31 -16.19 -37.59
N GLY B 45 11.43 -14.87 -37.47
CA GLY B 45 11.30 -14.02 -38.63
C GLY B 45 9.90 -14.03 -39.23
N GLN B 46 8.88 -14.03 -38.37
CA GLN B 46 7.49 -14.10 -38.83
C GLN B 46 6.60 -13.43 -37.79
N ILE B 47 5.67 -12.61 -38.25
CA ILE B 47 4.77 -11.88 -37.37
C ILE B 47 3.48 -12.70 -37.23
N VAL B 48 3.13 -13.04 -35.99
CA VAL B 48 1.94 -13.82 -35.69
C VAL B 48 1.09 -13.03 -34.70
N GLY B 49 -0.16 -12.77 -35.07
CA GLY B 49 -1.06 -12.01 -34.23
C GLY B 49 -1.96 -12.93 -33.42
N LEU B 50 -1.90 -12.79 -32.11
CA LEU B 50 -2.74 -13.56 -31.18
C LEU B 50 -3.93 -12.67 -30.82
N LEU B 51 -5.03 -12.85 -31.53
CA LEU B 51 -6.18 -11.97 -31.46
C LEU B 51 -7.37 -12.72 -30.86
N GLY B 52 -8.46 -11.99 -30.64
CA GLY B 52 -9.67 -12.57 -30.11
C GLY B 52 -10.47 -11.57 -29.30
N PRO B 53 -11.69 -11.98 -28.89
CA PRO B 53 -12.51 -11.09 -28.07
C PRO B 53 -11.85 -10.81 -26.72
N ASN B 54 -12.13 -9.63 -26.19
CA ASN B 54 -11.57 -9.22 -24.91
C ASN B 54 -12.06 -10.14 -23.80
N GLY B 55 -11.13 -10.63 -22.98
CA GLY B 55 -11.47 -11.50 -21.88
C GLY B 55 -11.71 -12.95 -22.27
N ALA B 56 -11.55 -13.31 -23.54
CA ALA B 56 -11.78 -14.67 -23.99
C ALA B 56 -10.53 -15.54 -23.90
N GLY B 57 -9.43 -15.00 -23.39
CA GLY B 57 -8.21 -15.78 -23.23
C GLY B 57 -7.06 -15.39 -24.14
N LYS B 58 -7.19 -14.33 -24.93
CA LYS B 58 -6.07 -13.91 -25.76
C LYS B 58 -4.96 -13.30 -24.91
N THR B 59 -5.33 -12.56 -23.86
CA THR B 59 -4.32 -11.97 -22.98
C THR B 59 -3.70 -13.03 -22.07
N THR B 60 -4.53 -13.91 -21.50
CA THR B 60 -4.00 -14.93 -20.59
C THR B 60 -3.13 -15.93 -21.33
N SER B 61 -3.55 -16.34 -22.53
CA SER B 61 -2.70 -17.24 -23.32
C SER B 61 -1.41 -16.55 -23.75
N PHE B 62 -1.45 -15.23 -23.96
CA PHE B 62 -0.23 -14.50 -24.26
C PHE B 62 0.71 -14.47 -23.07
N TYR B 63 0.17 -14.27 -21.87
CA TYR B 63 1.03 -14.14 -20.69
C TYR B 63 1.65 -15.47 -20.29
N MET B 64 0.98 -16.58 -20.61
CA MET B 64 1.56 -17.88 -20.29
C MET B 64 2.71 -18.23 -21.24
N VAL B 65 2.74 -17.63 -22.42
CA VAL B 65 3.92 -17.75 -23.27
C VAL B 65 5.07 -16.96 -22.67
N VAL B 66 4.81 -15.73 -22.21
CA VAL B 66 5.86 -14.92 -21.60
C VAL B 66 6.35 -15.56 -20.31
N GLY B 67 5.42 -15.91 -19.42
CA GLY B 67 5.78 -16.51 -18.15
C GLY B 67 5.20 -15.79 -16.94
N LEU B 68 4.47 -14.69 -17.17
CA LEU B 68 3.86 -13.99 -16.05
C LEU B 68 2.83 -14.86 -15.35
N VAL B 69 2.01 -15.57 -16.11
CA VAL B 69 0.95 -16.41 -15.59
C VAL B 69 1.41 -17.85 -15.64
N ARG B 70 1.41 -18.52 -14.49
CA ARG B 70 1.86 -19.90 -14.44
C ARG B 70 0.91 -20.81 -15.22
N MET B 71 1.48 -21.77 -15.92
CA MET B 71 0.72 -22.64 -16.80
C MET B 71 0.11 -23.78 -16.01
N ASP B 72 -1.22 -23.86 -16.00
CA ASP B 72 -1.89 -25.00 -15.37
C ASP B 72 -1.71 -26.26 -16.19
N LYS B 73 -1.88 -26.16 -17.51
CA LYS B 73 -1.67 -27.26 -18.43
C LYS B 73 -1.09 -26.71 -19.72
N GLY B 74 -0.23 -27.49 -20.35
CA GLY B 74 0.31 -27.07 -21.63
C GLY B 74 1.76 -27.42 -21.86
N GLU B 75 2.22 -27.22 -23.09
CA GLU B 75 3.60 -27.52 -23.47
C GLU B 75 4.09 -26.42 -24.39
N ILE B 76 5.19 -25.77 -24.02
CA ILE B 76 5.70 -24.63 -24.84
C ILE B 76 7.14 -24.93 -25.23
N HIS B 77 7.35 -25.51 -26.42
CA HIS B 77 8.71 -25.91 -26.85
C HIS B 77 9.31 -24.86 -27.78
N LEU B 78 10.63 -24.80 -27.85
CA LEU B 78 11.30 -23.86 -28.79
C LEU B 78 12.45 -24.61 -29.45
N ASP B 79 12.17 -25.27 -30.59
CA ASP B 79 13.22 -26.10 -31.25
C ASP B 79 13.64 -27.23 -30.32
N ASN B 80 12.74 -28.19 -30.07
CA ASN B 80 13.06 -29.37 -29.21
C ASN B 80 13.63 -28.90 -27.86
N LEU B 81 13.23 -27.72 -27.40
CA LEU B 81 13.66 -27.24 -26.04
C LEU B 81 12.40 -26.91 -25.26
N ASP B 82 11.98 -27.80 -24.36
CA ASP B 82 10.69 -27.57 -23.64
C ASP B 82 10.85 -26.37 -22.70
N LEU B 83 10.06 -25.32 -22.91
CA LEU B 83 10.13 -24.11 -22.06
C LEU B 83 8.90 -24.10 -21.15
N SER B 84 8.36 -25.27 -20.81
CA SER B 84 7.15 -25.31 -20.01
C SER B 84 7.44 -25.04 -18.54
N ASP B 85 8.48 -25.66 -18.00
CA ASP B 85 8.79 -25.55 -16.58
C ASP B 85 9.60 -24.31 -16.24
N LEU B 86 10.19 -23.64 -17.23
CA LEU B 86 11.04 -22.49 -16.95
C LEU B 86 10.22 -21.29 -16.53
N ALA B 87 10.83 -20.41 -15.75
CA ALA B 87 10.19 -19.19 -15.28
C ALA B 87 10.26 -18.13 -16.37
N MET B 88 9.89 -16.90 -16.04
CA MET B 88 9.96 -15.81 -17.01
C MET B 88 11.39 -15.55 -17.46
N HIS B 89 12.32 -15.49 -16.50
CA HIS B 89 13.70 -15.15 -16.84
C HIS B 89 14.44 -16.31 -17.49
N GLU B 90 14.13 -17.54 -17.09
CA GLU B 90 14.79 -18.69 -17.69
C GLU B 90 14.39 -18.88 -19.15
N ARG B 91 13.17 -18.47 -19.51
CA ARG B 91 12.79 -18.43 -20.92
C ARG B 91 13.46 -17.28 -21.65
N ALA B 92 13.56 -16.12 -20.99
CA ALA B 92 14.14 -14.95 -21.62
C ALA B 92 15.60 -15.17 -21.99
N ARG B 93 16.31 -15.99 -21.21
CA ARG B 93 17.68 -16.32 -21.56
C ARG B 93 17.76 -17.28 -22.75
N LYS B 94 16.61 -17.87 -23.10
CA LYS B 94 16.55 -18.83 -24.24
C LYS B 94 16.27 -18.07 -25.53
N GLY B 95 15.80 -16.82 -25.43
CA GLY B 95 15.54 -16.02 -26.61
C GLY B 95 14.10 -15.56 -26.78
N ILE B 96 13.39 -15.36 -25.68
CA ILE B 96 12.01 -14.88 -25.71
C ILE B 96 11.98 -13.50 -25.07
N GLY B 97 11.50 -12.52 -25.83
CA GLY B 97 11.44 -11.15 -25.34
C GLY B 97 10.03 -10.72 -25.01
N TYR B 98 9.91 -9.69 -24.15
CA TYR B 98 8.61 -9.18 -23.75
C TYR B 98 8.68 -7.66 -23.70
N LEU B 99 7.71 -7.00 -24.33
CA LEU B 99 7.62 -5.55 -24.33
C LEU B 99 6.31 -5.13 -23.68
N PRO B 100 6.33 -4.71 -22.43
CA PRO B 100 5.07 -4.40 -21.73
C PRO B 100 4.31 -3.26 -22.39
N GLN B 101 2.98 -3.34 -22.32
CA GLN B 101 2.15 -2.27 -22.86
C GLN B 101 2.39 -0.97 -22.11
N GLU B 102 2.45 -1.03 -20.78
CA GLU B 102 2.67 0.15 -19.98
C GLU B 102 4.12 0.63 -20.11
N ALA B 103 4.36 1.85 -19.64
CA ALA B 103 5.71 2.41 -19.67
C ALA B 103 6.63 1.59 -18.78
N SER B 104 7.65 0.99 -19.38
CA SER B 104 8.57 0.11 -18.66
C SER B 104 10.01 0.58 -18.75
N ILE B 105 10.24 1.83 -19.13
CA ILE B 105 11.59 2.36 -19.20
C ILE B 105 12.11 2.59 -17.79
N PHE B 106 13.42 2.42 -17.61
CA PHE B 106 14.06 2.72 -16.33
C PHE B 106 14.04 4.23 -16.14
N ARG B 107 13.19 4.71 -15.23
CA ARG B 107 12.89 6.13 -15.16
C ARG B 107 14.14 6.96 -14.83
N LYS B 108 14.93 6.52 -13.86
CA LYS B 108 16.05 7.29 -13.38
C LYS B 108 17.35 7.01 -14.13
N LEU B 109 17.30 6.19 -15.17
CA LEU B 109 18.45 5.89 -15.99
C LEU B 109 18.29 6.54 -17.35
N THR B 110 19.38 7.08 -17.90
CA THR B 110 19.31 7.71 -19.20
C THR B 110 18.99 6.67 -20.27
N ILE B 111 18.59 7.17 -21.44
CA ILE B 111 18.20 6.29 -22.54
C ILE B 111 19.38 5.42 -22.95
N ALA B 112 20.58 6.00 -23.03
CA ALA B 112 21.76 5.21 -23.34
C ALA B 112 22.08 4.22 -22.23
N GLU B 113 21.78 4.57 -20.98
CA GLU B 113 22.03 3.65 -19.88
C GLU B 113 21.00 2.53 -19.85
N ASN B 114 19.78 2.79 -20.33
CA ASN B 114 18.78 1.72 -20.42
C ASN B 114 19.25 0.62 -21.37
N ILE B 115 19.72 0.99 -22.56
CA ILE B 115 20.22 0.00 -23.51
C ILE B 115 21.52 -0.61 -22.99
N MET B 116 22.38 0.22 -22.39
CA MET B 116 23.65 -0.29 -21.87
C MET B 116 23.43 -1.19 -20.65
N ALA B 117 22.34 -0.96 -19.91
CA ALA B 117 22.06 -1.80 -18.75
C ALA B 117 21.84 -3.25 -19.16
N ILE B 118 21.13 -3.47 -20.27
CA ILE B 118 20.87 -4.82 -20.75
C ILE B 118 22.02 -5.36 -21.60
N LEU B 119 22.80 -4.48 -22.23
CA LEU B 119 23.92 -4.96 -23.04
C LEU B 119 25.00 -5.61 -22.19
N GLU B 120 25.19 -5.13 -20.96
CA GLU B 120 26.15 -5.75 -20.06
C GLU B 120 25.71 -7.15 -19.63
N THR B 121 24.40 -7.40 -19.73
CA THR B 121 23.83 -8.73 -19.39
C THR B 121 24.21 -9.71 -20.50
N ARG B 122 24.32 -9.20 -21.73
CA ARG B 122 24.72 -10.07 -22.87
C ARG B 122 26.12 -10.63 -22.60
N LYS B 123 26.27 -11.95 -22.64
CA LYS B 123 27.58 -12.58 -22.35
C LYS B 123 28.30 -12.87 -23.67
N ASP B 124 27.70 -12.44 -24.79
CA ASP B 124 28.30 -12.75 -26.11
C ASP B 124 29.14 -11.57 -26.61
N LEU B 125 29.49 -10.64 -25.70
CA LEU B 125 30.20 -9.42 -26.17
C LEU B 125 31.28 -9.00 -25.15
N ASN B 126 32.09 -8.01 -25.51
CA ASN B 126 33.14 -7.46 -24.62
C ASN B 126 32.96 -5.94 -24.55
N LYS B 127 33.63 -5.27 -23.62
CA LYS B 127 33.42 -3.84 -23.44
C LYS B 127 33.63 -3.07 -24.74
N GLN B 128 34.50 -3.57 -25.62
CA GLN B 128 34.78 -2.85 -26.85
C GLN B 128 33.58 -2.84 -27.79
N GLN B 129 32.98 -4.01 -28.03
CA GLN B 129 31.85 -4.12 -28.94
C GLN B 129 30.52 -3.79 -28.27
N ARG B 130 30.45 -3.74 -26.95
CA ARG B 130 29.23 -3.31 -26.29
C ARG B 130 28.92 -1.85 -26.60
N GLN B 131 29.94 -1.00 -26.60
CA GLN B 131 29.74 0.40 -26.95
C GLN B 131 29.39 0.56 -28.43
N GLN B 132 30.01 -0.25 -29.29
CA GLN B 132 29.65 -0.23 -30.70
C GLN B 132 28.22 -0.69 -30.92
N ARG B 133 27.82 -1.76 -30.23
CA ARG B 133 26.45 -2.24 -30.34
C ARG B 133 25.46 -1.22 -29.80
N LEU B 134 25.81 -0.55 -28.71
CA LEU B 134 24.94 0.49 -28.16
C LEU B 134 24.79 1.65 -29.14
N GLN B 135 25.87 2.02 -29.83
CA GLN B 135 25.82 3.14 -30.76
C GLN B 135 24.88 2.86 -31.93
N GLU B 136 24.94 1.65 -32.49
CA GLU B 136 24.10 1.32 -33.63
C GLU B 136 22.65 1.06 -33.23
N LEU B 137 22.41 0.55 -32.02
CA LEU B 137 21.05 0.42 -31.53
C LEU B 137 20.39 1.78 -31.36
N LEU B 138 21.15 2.76 -30.87
CA LEU B 138 20.63 4.12 -30.77
C LEU B 138 20.37 4.70 -32.16
N ASN B 139 21.25 4.43 -33.12
CA ASN B 139 21.07 4.95 -34.47
C ASN B 139 19.95 4.24 -35.21
N ASP B 140 19.73 2.95 -34.94
CA ASP B 140 18.69 2.21 -35.63
C ASP B 140 17.31 2.78 -35.34
N PHE B 141 17.05 3.12 -34.09
CA PHE B 141 15.75 3.64 -33.67
C PHE B 141 15.72 5.15 -33.56
N LYS B 142 16.80 5.84 -33.95
CA LYS B 142 16.84 7.30 -33.99
C LYS B 142 16.53 7.92 -32.63
N ILE B 143 17.16 7.38 -31.59
CA ILE B 143 17.07 7.93 -30.25
C ILE B 143 18.40 8.48 -29.78
N THR B 144 19.31 8.79 -30.72
CA THR B 144 20.62 9.31 -30.33
C THR B 144 20.50 10.68 -29.68
N HIS B 145 19.59 11.52 -30.17
CA HIS B 145 19.46 12.88 -29.64
C HIS B 145 18.96 12.89 -28.20
N ILE B 146 18.38 11.81 -27.72
CA ILE B 146 17.90 11.72 -26.34
C ILE B 146 18.70 10.67 -25.55
N LYS B 147 19.86 10.27 -26.05
CA LYS B 147 20.64 9.23 -25.38
C LYS B 147 21.11 9.66 -24.00
N ASP B 148 21.16 10.97 -23.72
CA ASP B 148 21.62 11.46 -22.43
C ASP B 148 20.48 11.94 -21.54
N SER B 149 19.25 11.91 -22.02
CA SER B 149 18.11 12.34 -21.23
C SER B 149 17.54 11.16 -20.44
N LEU B 150 17.02 11.47 -19.25
CA LEU B 150 16.46 10.43 -18.39
C LEU B 150 15.26 9.78 -19.06
N GLY B 151 15.09 8.48 -18.79
CA GLY B 151 13.97 7.75 -19.38
C GLY B 151 12.62 8.25 -18.95
N MET B 152 12.54 8.96 -17.83
CA MET B 152 11.28 9.51 -17.36
C MET B 152 10.91 10.83 -18.02
N SER B 153 11.79 11.40 -18.83
CA SER B 153 11.58 12.71 -19.43
C SER B 153 11.69 12.65 -20.95
N VAL B 154 11.06 11.65 -21.57
CA VAL B 154 11.04 11.51 -23.01
C VAL B 154 9.61 11.27 -23.47
N SER B 155 9.36 11.57 -24.74
CA SER B 155 8.02 11.42 -25.30
C SER B 155 7.61 9.96 -25.34
N GLY B 156 6.28 9.74 -25.34
CA GLY B 156 5.78 8.37 -25.40
C GLY B 156 6.23 7.64 -26.64
N GLY B 157 6.25 8.32 -27.78
CA GLY B 157 6.77 7.71 -28.99
C GLY B 157 8.27 7.47 -28.92
N GLU B 158 9.00 8.41 -28.31
CA GLU B 158 10.45 8.25 -28.19
C GLU B 158 10.80 7.20 -27.14
N ARG B 159 10.05 7.16 -26.04
CA ARG B 159 10.31 6.18 -25.00
C ARG B 159 10.08 4.76 -25.51
N ARG B 160 8.99 4.55 -26.26
CA ARG B 160 8.69 3.21 -26.76
C ARG B 160 9.76 2.71 -27.72
N ARG B 161 10.37 3.61 -28.48
CA ARG B 161 11.50 3.21 -29.32
C ARG B 161 12.70 2.81 -28.46
N ALA B 162 12.88 3.45 -27.30
CA ALA B 162 13.97 3.07 -26.41
C ALA B 162 13.68 1.77 -25.67
N GLU B 163 12.41 1.45 -25.46
CA GLU B 163 12.07 0.17 -24.83
C GLU B 163 12.30 -0.99 -25.79
N ILE B 164 11.99 -0.79 -27.07
CA ILE B 164 12.25 -1.82 -28.06
C ILE B 164 13.74 -1.97 -28.31
N ALA B 165 14.46 -0.85 -28.37
CA ALA B 165 15.91 -0.92 -28.50
C ALA B 165 16.56 -1.59 -27.30
N ARG B 166 16.04 -1.33 -26.10
CA ARG B 166 16.53 -2.01 -24.91
C ARG B 166 16.25 -3.50 -24.97
N ALA B 167 15.06 -3.88 -25.44
CA ALA B 167 14.72 -5.30 -25.54
C ALA B 167 15.62 -6.00 -26.55
N LEU B 168 15.95 -5.33 -27.65
CA LEU B 168 16.85 -5.89 -28.65
C LEU B 168 18.29 -5.98 -28.16
N ALA B 169 18.63 -5.31 -27.06
CA ALA B 169 19.98 -5.43 -26.51
C ALA B 169 20.23 -6.83 -25.97
N ALA B 170 19.18 -7.53 -25.55
CA ALA B 170 19.30 -8.89 -25.03
C ALA B 170 19.34 -9.93 -26.13
N ASP B 171 19.25 -9.52 -27.40
CA ASP B 171 19.27 -10.41 -28.56
C ASP B 171 18.19 -11.47 -28.46
N PRO B 172 16.91 -11.08 -28.54
CA PRO B 172 15.84 -12.07 -28.46
C PRO B 172 15.58 -12.73 -29.81
N LYS B 173 15.12 -13.98 -29.74
CA LYS B 173 14.71 -14.70 -30.94
C LYS B 173 13.23 -14.53 -31.23
N PHE B 174 12.41 -14.33 -30.20
CA PHE B 174 10.98 -14.12 -30.36
C PHE B 174 10.56 -12.97 -29.46
N MET B 175 10.15 -11.86 -30.06
CA MET B 175 9.73 -10.68 -29.33
C MET B 175 8.21 -10.69 -29.22
N LEU B 176 7.70 -10.88 -28.01
CA LEU B 176 6.27 -10.92 -27.75
C LEU B 176 5.81 -9.51 -27.37
N LEU B 177 5.17 -8.82 -28.30
CA LEU B 177 4.70 -7.47 -28.08
C LEU B 177 3.29 -7.51 -27.48
N ASP B 178 3.10 -6.76 -26.39
CA ASP B 178 1.81 -6.67 -25.72
C ASP B 178 1.22 -5.29 -26.03
N GLU B 179 0.12 -5.28 -26.79
CA GLU B 179 -0.60 -4.06 -27.11
C GLU B 179 0.31 -2.98 -27.72
N PRO B 180 0.93 -3.26 -28.88
CA PRO B 180 1.80 -2.25 -29.47
C PRO B 180 1.06 -1.01 -29.98
N PHE B 181 -0.13 -1.18 -30.53
CA PHE B 181 -0.94 -0.04 -30.98
C PHE B 181 -1.91 0.39 -29.88
N ALA B 182 -1.35 0.66 -28.70
CA ALA B 182 -2.13 1.12 -27.56
C ALA B 182 -1.90 2.62 -27.39
N GLY B 183 -2.97 3.39 -27.53
CA GLY B 183 -2.85 4.84 -27.45
C GLY B 183 -1.98 5.43 -28.55
N VAL B 184 -2.05 4.85 -29.74
CA VAL B 184 -1.25 5.29 -30.88
C VAL B 184 -2.19 5.95 -31.88
N ASP B 185 -1.90 7.20 -32.22
CA ASP B 185 -2.72 7.95 -33.17
C ASP B 185 -2.57 7.36 -34.56
N PRO B 186 -3.57 7.55 -35.43
CA PRO B 186 -3.49 7.00 -36.79
C PRO B 186 -2.31 7.54 -37.59
N ILE B 187 -1.77 8.71 -37.24
CA ILE B 187 -0.60 9.23 -37.94
C ILE B 187 0.63 8.38 -37.62
N SER B 188 0.76 7.94 -36.37
CA SER B 188 1.93 7.21 -35.91
C SER B 188 1.71 5.71 -35.89
N VAL B 189 0.58 5.21 -36.39
CA VAL B 189 0.41 3.77 -36.49
C VAL B 189 1.34 3.19 -37.54
N GLY B 190 1.69 3.98 -38.56
CA GLY B 190 2.67 3.54 -39.52
C GLY B 190 4.06 3.40 -38.93
N ASP B 191 4.40 4.24 -37.97
CA ASP B 191 5.71 4.13 -37.31
C ASP B 191 5.83 2.82 -36.53
N ILE B 192 4.75 2.42 -35.84
CA ILE B 192 4.79 1.17 -35.11
C ILE B 192 4.87 -0.01 -36.07
N LYS B 193 4.14 0.05 -37.18
CA LYS B 193 4.21 -1.02 -38.17
C LYS B 193 5.60 -1.11 -38.77
N ASP B 194 6.24 0.03 -39.03
CA ASP B 194 7.60 0.01 -39.55
C ASP B 194 8.56 -0.62 -38.54
N ILE B 195 8.37 -0.34 -37.25
CA ILE B 195 9.19 -0.97 -36.22
C ILE B 195 8.97 -2.48 -36.22
N ILE B 196 7.70 -2.91 -36.20
CA ILE B 196 7.40 -4.34 -36.14
C ILE B 196 7.90 -5.03 -37.39
N ARG B 197 7.74 -4.40 -38.55
CA ARG B 197 8.32 -4.97 -39.77
C ARG B 197 9.83 -5.03 -39.70
N ASN B 198 10.46 -4.07 -39.00
CA ASN B 198 11.91 -4.10 -38.85
C ASN B 198 12.36 -5.26 -37.97
N LEU B 199 11.59 -5.59 -36.94
CA LEU B 199 11.93 -6.75 -36.11
C LEU B 199 11.89 -8.04 -36.91
N LYS B 200 10.90 -8.18 -37.80
CA LYS B 200 10.84 -9.36 -38.65
C LYS B 200 12.05 -9.42 -39.59
N ASP B 201 12.42 -8.29 -40.18
CA ASP B 201 13.57 -8.26 -41.07
C ASP B 201 14.88 -8.51 -40.34
N ARG B 202 14.89 -8.36 -39.02
CA ARG B 202 16.07 -8.65 -38.21
C ARG B 202 16.17 -10.10 -37.80
N GLY B 203 15.23 -10.94 -38.22
CA GLY B 203 15.25 -12.34 -37.85
C GLY B 203 14.56 -12.67 -36.55
N ILE B 204 13.70 -11.79 -36.04
CA ILE B 204 13.02 -11.97 -34.77
C ILE B 204 11.54 -12.20 -35.06
N GLY B 205 11.03 -13.35 -34.60
CA GLY B 205 9.60 -13.58 -34.68
C GLY B 205 8.86 -12.70 -33.70
N VAL B 206 7.70 -12.20 -34.12
CA VAL B 206 6.93 -11.24 -33.35
C VAL B 206 5.54 -11.83 -33.08
N LEU B 207 5.17 -11.87 -31.80
CA LEU B 207 3.83 -12.28 -31.39
C LEU B 207 3.10 -11.04 -30.87
N ILE B 208 1.99 -10.69 -31.51
CA ILE B 208 1.26 -9.47 -31.21
C ILE B 208 -0.10 -9.85 -30.66
N THR B 209 -0.41 -9.38 -29.46
CA THR B 209 -1.77 -9.39 -28.95
C THR B 209 -2.24 -7.95 -28.82
N ASP B 210 -3.43 -7.66 -29.32
CA ASP B 210 -3.88 -6.29 -29.38
C ASP B 210 -5.39 -6.23 -29.45
N HIS B 211 -5.95 -5.19 -28.83
CA HIS B 211 -7.36 -4.90 -28.99
C HIS B 211 -7.66 -4.27 -30.34
N ASN B 212 -6.71 -3.49 -30.87
CA ASN B 212 -6.87 -2.86 -32.18
C ASN B 212 -6.62 -3.93 -33.23
N VAL B 213 -7.71 -4.55 -33.70
CA VAL B 213 -7.60 -5.65 -34.64
C VAL B 213 -7.55 -5.17 -36.09
N ARG B 214 -7.93 -3.91 -36.35
CA ARG B 214 -7.89 -3.41 -37.72
C ARG B 214 -6.46 -3.35 -38.25
N GLU B 215 -5.52 -2.89 -37.42
CA GLU B 215 -4.14 -2.77 -37.86
C GLU B 215 -3.30 -4.00 -37.53
N THR B 216 -3.67 -4.78 -36.52
CA THR B 216 -2.94 -6.00 -36.23
C THR B 216 -3.12 -7.03 -37.33
N LEU B 217 -4.28 -7.02 -38.00
CA LEU B 217 -4.52 -7.88 -39.15
C LEU B 217 -3.92 -7.32 -40.44
N ALA B 218 -3.07 -6.30 -40.34
CA ALA B 218 -2.44 -5.70 -41.50
C ALA B 218 -0.95 -5.98 -41.60
N ILE B 219 -0.30 -6.41 -40.51
CA ILE B 219 1.13 -6.69 -40.54
C ILE B 219 1.36 -8.18 -40.28
N CYS B 220 0.47 -8.80 -39.53
CA CYS B 220 0.64 -10.20 -39.17
C CYS B 220 0.48 -11.09 -40.38
N GLU B 221 1.33 -12.10 -40.50
CA GLU B 221 1.27 -13.05 -41.60
C GLU B 221 0.41 -14.26 -41.29
N HIS B 222 0.13 -14.52 -40.02
CA HIS B 222 -0.62 -15.70 -39.61
C HIS B 222 -1.23 -15.41 -38.25
N ALA B 223 -2.55 -15.28 -38.21
CA ALA B 223 -3.24 -14.81 -37.01
C ALA B 223 -4.03 -15.95 -36.38
N TYR B 224 -4.10 -15.94 -35.05
CA TYR B 224 -4.86 -16.91 -34.27
C TYR B 224 -5.94 -16.17 -33.51
N ILE B 225 -7.20 -16.51 -33.79
CA ILE B 225 -8.34 -15.94 -33.09
C ILE B 225 -8.77 -16.92 -32.00
N VAL B 226 -8.71 -16.50 -30.75
CA VAL B 226 -9.07 -17.35 -29.62
C VAL B 226 -10.35 -16.77 -29.00
N SER B 227 -11.39 -17.60 -28.93
CA SER B 227 -12.66 -17.21 -28.34
C SER B 227 -13.15 -18.32 -27.44
N GLU B 228 -13.78 -17.95 -26.32
CA GLU B 228 -14.26 -18.90 -25.32
C GLU B 228 -13.14 -19.79 -24.79
N GLY B 229 -11.92 -19.26 -24.77
CA GLY B 229 -10.78 -19.97 -24.23
C GLY B 229 -10.09 -20.92 -25.17
N ALA B 230 -10.54 -21.03 -26.42
CA ALA B 230 -9.93 -21.95 -27.37
C ALA B 230 -9.75 -21.25 -28.71
N VAL B 231 -8.80 -21.76 -29.49
CA VAL B 231 -8.53 -21.20 -30.81
C VAL B 231 -9.67 -21.59 -31.75
N ILE B 232 -10.39 -20.59 -32.25
CA ILE B 232 -11.53 -20.85 -33.13
C ILE B 232 -11.20 -20.67 -34.61
N ALA B 233 -10.07 -20.05 -34.94
CA ALA B 233 -9.67 -19.88 -36.32
C ALA B 233 -8.17 -19.72 -36.40
N GLU B 234 -7.64 -19.88 -37.62
CA GLU B 234 -6.20 -19.89 -37.83
C GLU B 234 -5.94 -19.63 -39.31
N GLY B 235 -4.88 -18.87 -39.59
CA GLY B 235 -4.45 -18.65 -40.95
C GLY B 235 -4.07 -17.21 -41.18
N SER B 236 -3.96 -16.84 -42.44
CA SER B 236 -3.60 -15.49 -42.83
C SER B 236 -4.76 -14.54 -42.51
N PRO B 237 -4.48 -13.23 -42.43
CA PRO B 237 -5.58 -12.28 -42.18
C PRO B 237 -6.69 -12.34 -43.20
N GLN B 238 -6.39 -12.68 -44.46
CA GLN B 238 -7.44 -12.85 -45.45
C GLN B 238 -8.39 -13.98 -45.07
N ASP B 239 -7.83 -15.11 -44.60
CA ASP B 239 -8.68 -16.23 -44.18
C ASP B 239 -9.43 -15.92 -42.90
N ILE B 240 -8.84 -15.12 -42.00
CA ILE B 240 -9.51 -14.76 -40.76
C ILE B 240 -10.76 -13.94 -41.05
N LEU B 241 -10.68 -12.99 -41.98
CA LEU B 241 -11.82 -12.16 -42.30
C LEU B 241 -12.97 -12.97 -42.86
N GLU B 242 -12.69 -13.91 -43.76
CA GLU B 242 -13.72 -14.76 -44.34
C GLU B 242 -13.90 -16.05 -43.55
N ASN B 243 -14.08 -15.91 -42.24
CA ASN B 243 -14.33 -17.04 -41.35
C ASN B 243 -15.68 -16.82 -40.67
N GLU B 244 -16.60 -17.77 -40.85
CA GLU B 244 -17.95 -17.59 -40.34
C GLU B 244 -17.98 -17.48 -38.83
N GLN B 245 -17.21 -18.33 -38.13
CA GLN B 245 -17.21 -18.30 -36.68
C GLN B 245 -16.59 -17.01 -36.16
N VAL B 246 -15.51 -16.54 -36.79
CA VAL B 246 -14.89 -15.28 -36.38
C VAL B 246 -15.80 -14.12 -36.69
N ARG B 247 -16.43 -14.12 -37.87
CA ARG B 247 -17.35 -13.04 -38.23
C ARG B 247 -18.53 -13.00 -37.29
N LYS B 248 -19.04 -14.17 -36.90
CA LYS B 248 -20.21 -14.22 -36.02
C LYS B 248 -19.87 -13.79 -34.61
N VAL B 249 -18.67 -14.10 -34.14
CA VAL B 249 -18.31 -13.95 -32.73
C VAL B 249 -17.49 -12.69 -32.48
N TYR B 250 -16.48 -12.43 -33.32
CA TYR B 250 -15.50 -11.39 -33.03
C TYR B 250 -15.62 -10.19 -33.96
N LEU B 251 -15.51 -10.39 -35.28
CA LEU B 251 -15.35 -9.28 -36.19
C LEU B 251 -16.68 -8.61 -36.57
N GLY B 252 -17.78 -9.34 -36.54
CA GLY B 252 -19.06 -8.81 -36.96
C GLY B 252 -19.28 -8.94 -38.45
N ASP B 253 -20.53 -8.68 -38.85
CA ASP B 253 -20.91 -8.84 -40.25
C ASP B 253 -20.16 -7.85 -41.14
N ASP B 254 -19.99 -6.61 -40.66
CA ASP B 254 -19.28 -5.58 -41.40
C ASP B 254 -17.92 -5.34 -40.76
N PHE B 255 -16.88 -5.32 -41.58
CA PHE B 255 -15.53 -5.09 -41.10
C PHE B 255 -14.60 -4.64 -42.22
N ILE C 2 -31.20 4.28 -0.19
CA ILE C 2 -30.38 3.19 -0.71
C ILE C 2 -28.91 3.58 -0.67
N ILE C 3 -28.63 4.85 -0.93
CA ILE C 3 -27.25 5.31 -0.92
C ILE C 3 -26.78 5.54 0.50
N ARG C 4 -27.69 5.83 1.43
CA ARG C 4 -27.29 5.92 2.83
C ARG C 4 -27.05 4.54 3.43
N ARG C 5 -27.91 3.58 3.12
CA ARG C 5 -27.71 2.22 3.61
C ARG C 5 -26.49 1.57 2.97
N TYR C 6 -26.17 1.95 1.72
CA TYR C 6 -24.97 1.45 1.08
C TYR C 6 -23.71 1.91 1.82
N LEU C 7 -23.69 3.17 2.24
CA LEU C 7 -22.51 3.71 2.92
C LEU C 7 -22.41 3.23 4.36
N VAL C 8 -23.53 3.17 5.08
CA VAL C 8 -23.49 2.75 6.48
C VAL C 8 -23.02 1.31 6.59
N LYS C 9 -23.49 0.45 5.69
CA LYS C 9 -23.04 -0.94 5.70
C LYS C 9 -21.55 -1.03 5.41
N GLN C 10 -21.05 -0.21 4.50
CA GLN C 10 -19.63 -0.23 4.18
C GLN C 10 -18.78 0.33 5.31
N VAL C 11 -19.21 1.44 5.91
CA VAL C 11 -18.43 2.07 6.96
C VAL C 11 -18.41 1.21 8.21
N VAL C 12 -19.57 0.66 8.60
CA VAL C 12 -19.64 -0.19 9.78
C VAL C 12 -18.78 -1.43 9.60
N SER C 13 -18.84 -2.04 8.41
CA SER C 13 -18.07 -3.27 8.17
C SER C 13 -16.58 -3.01 8.24
N THR C 14 -16.10 -1.94 7.61
CA THR C 14 -14.66 -1.69 7.59
C THR C 14 -14.17 -0.95 8.82
N SER C 15 -15.06 -0.29 9.57
CA SER C 15 -14.66 0.28 10.85
C SER C 15 -14.50 -0.79 11.90
N LEU C 16 -15.39 -1.79 11.91
CA LEU C 16 -15.26 -2.89 12.85
C LEU C 16 -14.02 -3.73 12.55
N VAL C 17 -13.66 -3.86 11.28
CA VAL C 17 -12.41 -4.55 10.94
C VAL C 17 -11.21 -3.76 11.44
N VAL C 18 -11.21 -2.45 11.22
CA VAL C 18 -10.10 -1.62 11.68
C VAL C 18 -10.06 -1.56 13.20
N ILE C 19 -11.22 -1.46 13.85
CA ILE C 19 -11.27 -1.44 15.30
C ILE C 19 -10.75 -2.75 15.87
N ALA C 20 -11.17 -3.87 15.30
CA ALA C 20 -10.65 -5.16 15.73
C ALA C 20 -9.19 -5.33 15.35
N LEU C 21 -8.74 -4.64 14.30
CA LEU C 21 -7.34 -4.69 13.91
C LEU C 21 -6.47 -3.85 14.84
N LEU C 22 -7.00 -2.70 15.28
CA LEU C 22 -6.26 -1.84 16.21
C LEU C 22 -6.27 -2.40 17.62
N THR C 23 -7.39 -3.01 18.04
CA THR C 23 -7.44 -3.65 19.34
C THR C 23 -6.41 -4.78 19.43
N LEU C 24 -6.27 -5.56 18.36
CA LEU C 24 -5.29 -6.63 18.33
C LEU C 24 -3.87 -6.08 18.36
N ILE C 25 -3.66 -4.86 17.87
CA ILE C 25 -2.33 -4.28 17.80
C ILE C 25 -2.04 -3.42 19.01
N MET C 26 -2.96 -2.52 19.36
CA MET C 26 -2.74 -1.63 20.48
C MET C 26 -2.65 -2.38 21.80
N MET C 27 -3.53 -3.36 22.01
CA MET C 27 -3.50 -4.11 23.25
C MET C 27 -2.77 -5.44 23.12
N GLY C 28 -2.50 -5.89 21.89
CA GLY C 28 -1.56 -6.99 21.73
C GLY C 28 -0.16 -6.61 22.13
N GLY C 29 0.23 -5.36 21.86
CA GLY C 29 1.53 -4.88 22.31
C GLY C 29 1.60 -4.74 23.82
N ARG C 30 0.52 -4.29 24.45
CA ARG C 30 0.50 -4.17 25.90
C ARG C 30 0.42 -5.53 26.57
N LEU C 31 -0.34 -6.46 25.98
CA LEU C 31 -0.42 -7.80 26.53
C LEU C 31 0.93 -8.50 26.51
N ILE C 32 1.69 -8.30 25.43
CA ILE C 32 3.04 -8.86 25.36
C ILE C 32 3.94 -8.18 26.38
N LYS C 33 3.81 -6.87 26.54
CA LYS C 33 4.58 -6.17 27.56
C LYS C 33 4.21 -6.65 28.96
N TYR C 34 2.92 -6.87 29.21
CA TYR C 34 2.50 -7.43 30.49
C TYR C 34 3.06 -8.84 30.67
N PHE C 35 3.12 -9.62 29.60
CA PHE C 35 3.73 -10.94 29.66
C PHE C 35 5.22 -10.83 29.97
N GLY C 36 5.87 -9.76 29.53
CA GLY C 36 7.27 -9.56 29.87
C GLY C 36 7.49 -9.33 31.35
N VAL C 37 6.57 -8.58 31.98
CA VAL C 37 6.63 -8.42 33.42
C VAL C 37 6.35 -9.73 34.13
N ALA C 38 5.38 -10.50 33.63
CA ALA C 38 5.04 -11.76 34.26
C ALA C 38 6.16 -12.79 34.16
N ALA C 39 6.96 -12.72 33.09
CA ALA C 39 8.07 -13.66 32.94
C ALA C 39 9.15 -13.45 33.98
N GLN C 40 9.20 -12.27 34.61
CA GLN C 40 10.18 -11.98 35.64
C GLN C 40 9.61 -12.09 37.05
N GLY C 41 8.38 -12.56 37.18
CA GLY C 41 7.77 -12.76 38.48
C GLY C 41 7.13 -11.53 39.09
N ARG C 42 7.21 -10.38 38.43
CA ARG C 42 6.66 -9.14 38.98
C ARG C 42 5.16 -9.01 38.74
N LEU C 43 4.50 -10.04 38.21
CA LEU C 43 3.08 -10.00 37.92
C LEU C 43 2.60 -11.42 37.68
N ASP C 44 1.48 -11.78 38.32
CA ASP C 44 0.95 -13.17 38.21
C ASP C 44 0.54 -13.46 36.77
N ALA C 45 1.07 -14.53 36.19
CA ALA C 45 0.80 -14.88 34.80
C ALA C 45 -0.67 -15.24 34.57
N GLY C 46 -1.40 -15.60 35.61
CA GLY C 46 -2.79 -15.97 35.46
C GLY C 46 -3.78 -14.82 35.51
N VAL C 47 -3.32 -13.61 35.80
CA VAL C 47 -4.21 -12.46 35.91
C VAL C 47 -4.01 -11.48 34.76
N LEU C 48 -2.94 -11.62 33.98
CA LEU C 48 -2.65 -10.68 32.90
C LEU C 48 -3.72 -10.69 31.81
N PHE C 49 -4.56 -11.72 31.77
CA PHE C 49 -5.73 -11.66 30.90
C PHE C 49 -6.88 -10.89 31.53
N SER C 50 -6.92 -10.78 32.86
CA SER C 50 -7.92 -9.93 33.50
C SER C 50 -7.54 -8.46 33.38
N ILE C 51 -6.24 -8.15 33.33
CA ILE C 51 -5.82 -6.77 33.13
C ILE C 51 -6.26 -6.27 31.77
N ILE C 52 -6.10 -7.10 30.74
CA ILE C 52 -6.54 -6.73 29.40
C ILE C 52 -8.06 -6.55 29.36
N GLY C 53 -8.78 -7.37 30.11
CA GLY C 53 -10.22 -7.21 30.18
C GLY C 53 -10.63 -5.88 30.77
N TYR C 54 -9.92 -5.42 31.81
CA TYR C 54 -10.25 -4.18 32.47
C TYR C 54 -9.71 -2.95 31.75
N ARG C 55 -8.79 -3.13 30.80
CA ARG C 55 -8.30 -2.03 29.98
C ARG C 55 -8.94 -2.01 28.60
N MET C 56 -9.93 -2.87 28.34
CA MET C 56 -10.70 -2.77 27.11
C MET C 56 -11.34 -1.40 26.94
N PRO C 57 -12.08 -0.85 27.92
CA PRO C 57 -12.69 0.46 27.69
C PRO C 57 -11.69 1.60 27.59
N GLU C 58 -10.50 1.44 28.17
CA GLU C 58 -9.49 2.50 28.09
C GLU C 58 -8.92 2.62 26.68
N PHE C 59 -8.55 1.50 26.07
CA PHE C 59 -8.00 1.54 24.72
C PHE C 59 -9.08 1.80 23.68
N LEU C 60 -10.24 1.17 23.83
CA LEU C 60 -11.33 1.39 22.90
C LEU C 60 -11.83 2.82 22.94
N THR C 61 -11.48 3.57 23.98
CA THR C 61 -11.78 5.00 24.00
C THR C 61 -11.02 5.73 22.90
N LEU C 62 -9.80 5.28 22.60
CA LEU C 62 -8.99 5.89 21.54
C LEU C 62 -9.20 5.19 20.20
N ILE C 63 -9.37 3.87 20.20
CA ILE C 63 -9.49 3.14 18.95
C ILE C 63 -10.79 3.47 18.23
N LEU C 64 -11.87 3.67 18.97
CA LEU C 64 -13.16 3.92 18.35
C LEU C 64 -13.18 5.20 17.50
N PRO C 65 -12.69 6.36 17.98
CA PRO C 65 -12.54 7.49 17.05
C PRO C 65 -11.55 7.21 15.94
N LEU C 66 -10.49 6.46 16.23
CA LEU C 66 -9.49 6.15 15.22
C LEU C 66 -10.01 5.12 14.23
N GLY C 67 -10.75 4.12 14.71
CA GLY C 67 -11.35 3.15 13.80
C GLY C 67 -12.43 3.77 12.93
N PHE C 68 -13.24 4.65 13.50
CA PHE C 68 -14.24 5.36 12.71
C PHE C 68 -13.60 6.27 11.68
N PHE C 69 -12.52 6.98 12.07
CA PHE C 69 -11.84 7.86 11.14
C PHE C 69 -11.19 7.08 10.01
N ILE C 70 -10.47 6.01 10.34
CA ILE C 70 -9.82 5.21 9.32
C ILE C 70 -10.84 4.50 8.45
N GLY C 71 -11.88 3.94 9.06
CA GLY C 71 -12.93 3.28 8.30
C GLY C 71 -13.69 4.22 7.39
N LEU C 72 -13.77 5.51 7.76
CA LEU C 72 -14.44 6.48 6.91
C LEU C 72 -13.61 6.81 5.68
N MET C 73 -12.28 6.93 5.84
CA MET C 73 -11.44 7.27 4.71
C MET C 73 -11.21 6.07 3.79
N LEU C 74 -11.22 4.85 4.33
CA LEU C 74 -11.12 3.69 3.47
C LEU C 74 -12.36 3.54 2.59
N VAL C 75 -13.54 3.79 3.16
CA VAL C 75 -14.77 3.75 2.36
C VAL C 75 -14.78 4.87 1.33
N PHE C 76 -14.50 6.10 1.77
CA PHE C 76 -14.51 7.23 0.84
C PHE C 76 -13.34 7.15 -0.13
N GLY C 77 -12.24 6.52 0.28
CA GLY C 77 -11.17 6.26 -0.66
C GLY C 77 -11.57 5.23 -1.72
N ARG C 78 -12.32 4.20 -1.32
CA ARG C 78 -12.76 3.19 -2.27
C ARG C 78 -13.73 3.78 -3.28
N LEU C 79 -14.62 4.66 -2.85
CA LEU C 79 -15.55 5.30 -3.79
C LEU C 79 -14.79 6.11 -4.83
N TYR C 80 -13.71 6.76 -4.43
CA TYR C 80 -12.91 7.54 -5.37
C TYR C 80 -12.08 6.64 -6.27
N VAL C 81 -11.51 5.57 -5.72
CA VAL C 81 -10.57 4.74 -6.47
C VAL C 81 -11.30 4.00 -7.60
N ASP C 82 -12.43 3.37 -7.29
CA ASP C 82 -13.16 2.60 -8.29
C ASP C 82 -14.33 3.38 -8.90
N HIS C 83 -14.19 4.70 -8.98
CA HIS C 83 -15.04 5.57 -9.79
C HIS C 83 -16.51 5.55 -9.38
N GLU C 84 -16.82 5.14 -8.15
CA GLU C 84 -18.19 5.28 -7.68
C GLU C 84 -18.50 6.70 -7.19
N MET C 85 -17.49 7.54 -7.00
CA MET C 85 -17.71 8.92 -6.62
C MET C 85 -17.93 9.83 -7.82
N ALA C 86 -17.31 9.50 -8.96
CA ALA C 86 -17.57 10.28 -10.18
C ALA C 86 -19.00 10.12 -10.64
N VAL C 87 -19.60 8.94 -10.42
CA VAL C 87 -21.01 8.75 -10.78
C VAL C 87 -21.95 9.18 -9.68
N LEU C 88 -21.45 9.41 -8.47
CA LEU C 88 -22.27 10.00 -7.41
C LEU C 88 -22.24 11.51 -7.48
N ASN C 89 -21.06 12.10 -7.70
CA ASN C 89 -21.00 13.53 -7.97
C ASN C 89 -21.67 13.85 -9.30
N GLY C 90 -21.46 13.01 -10.32
CA GLY C 90 -22.08 13.22 -11.61
C GLY C 90 -23.57 13.00 -11.63
N SER C 91 -24.15 12.54 -10.54
CA SER C 91 -25.60 12.39 -10.41
C SER C 91 -26.21 13.44 -9.49
N GLY C 92 -25.41 14.33 -8.92
CA GLY C 92 -25.90 15.38 -8.05
C GLY C 92 -25.65 15.18 -6.58
N ILE C 93 -24.93 14.14 -6.18
CA ILE C 93 -24.67 13.85 -4.77
C ILE C 93 -23.20 14.14 -4.51
N SER C 94 -22.93 15.21 -3.76
CA SER C 94 -21.57 15.63 -3.49
C SER C 94 -20.92 14.69 -2.48
N ARG C 95 -19.65 14.96 -2.17
CA ARG C 95 -18.97 14.22 -1.11
C ARG C 95 -19.42 14.71 0.27
N ILE C 96 -19.70 16.01 0.39
CA ILE C 96 -20.23 16.55 1.64
C ILE C 96 -21.61 15.96 1.94
N ARG C 97 -22.42 15.82 0.89
CA ARG C 97 -23.73 15.19 1.06
C ARG C 97 -23.61 13.74 1.49
N LEU C 98 -22.61 13.03 0.96
CA LEU C 98 -22.38 11.65 1.39
C LEU C 98 -21.93 11.59 2.84
N GLY C 99 -21.13 12.57 3.28
CA GLY C 99 -20.75 12.61 4.68
C GLY C 99 -21.89 13.01 5.60
N GLN C 100 -22.85 13.77 5.09
CA GLN C 100 -24.03 14.13 5.88
C GLN C 100 -25.04 13.00 5.97
N LEU C 101 -24.94 12.00 5.10
CA LEU C 101 -25.78 10.81 5.22
C LEU C 101 -25.33 9.91 6.36
N LEU C 102 -24.11 10.13 6.86
CA LEU C 102 -23.54 9.31 7.91
C LEU C 102 -23.58 9.99 9.27
N ILE C 103 -24.27 11.14 9.37
CA ILE C 103 -24.50 11.75 10.69
C ILE C 103 -25.29 10.83 11.60
N PRO C 104 -26.37 10.16 11.17
CA PRO C 104 -27.02 9.20 12.06
C PRO C 104 -26.11 8.08 12.53
N LEU C 105 -25.16 7.65 11.70
CA LEU C 105 -24.20 6.64 12.14
C LEU C 105 -23.20 7.22 13.12
N ALA C 106 -22.69 8.41 12.86
CA ALA C 106 -21.73 9.04 13.76
C ALA C 106 -22.35 9.31 15.12
N LEU C 107 -23.65 9.63 15.14
CA LEU C 107 -24.35 9.82 16.41
C LEU C 107 -24.40 8.53 17.21
N VAL C 108 -24.58 7.39 16.52
CA VAL C 108 -24.55 6.10 17.21
C VAL C 108 -23.17 5.84 17.78
N PHE C 109 -22.12 6.12 17.00
CA PHE C 109 -20.76 5.94 17.51
C PHE C 109 -20.45 6.94 18.61
N LEU C 110 -21.01 8.14 18.54
CA LEU C 110 -20.84 9.11 19.62
C LEU C 110 -21.50 8.62 20.90
N VAL C 111 -22.70 8.05 20.79
CA VAL C 111 -23.38 7.50 21.97
C VAL C 111 -22.60 6.32 22.53
N ILE C 112 -22.07 5.47 21.64
CA ILE C 112 -21.30 4.32 22.10
C ILE C 112 -20.06 4.77 22.86
N GLN C 113 -19.32 5.73 22.30
CA GLN C 113 -18.12 6.19 22.99
C GLN C 113 -18.46 7.04 24.20
N GLY C 114 -19.61 7.73 24.18
CA GLY C 114 -20.07 8.41 25.37
C GLY C 114 -20.30 7.46 26.52
N ILE C 115 -20.73 6.23 26.21
CA ILE C 115 -20.85 5.20 27.24
C ILE C 115 -19.47 4.77 27.72
N LEU C 116 -18.52 4.59 26.80
CA LEU C 116 -17.17 4.21 27.20
C LEU C 116 -16.52 5.29 28.05
N MET C 117 -16.51 6.53 27.56
CA MET C 117 -15.78 7.59 28.24
C MET C 117 -16.38 7.90 29.61
N LEU C 118 -17.70 7.85 29.73
CA LEU C 118 -18.34 8.28 30.96
C LEU C 118 -18.48 7.15 31.97
N TRP C 119 -18.71 5.92 31.51
CA TRP C 119 -19.00 4.82 32.42
C TRP C 119 -17.94 3.72 32.42
N MET C 120 -17.65 3.11 31.28
CA MET C 120 -16.79 1.93 31.32
C MET C 120 -15.32 2.28 31.45
N THR C 121 -14.88 3.42 30.92
CA THR C 121 -13.49 3.81 31.14
C THR C 121 -13.19 4.04 32.62
N PRO C 122 -14.03 4.75 33.39
CA PRO C 122 -13.79 4.76 34.85
C PRO C 122 -13.98 3.41 35.50
N TRP C 123 -15.03 2.67 35.14
CA TRP C 123 -15.27 1.38 35.75
C TRP C 123 -14.14 0.40 35.44
N GLY C 124 -13.67 0.40 34.19
CA GLY C 124 -12.56 -0.46 33.85
C GLY C 124 -11.28 -0.08 34.58
N LEU C 125 -11.04 1.22 34.74
CA LEU C 125 -9.86 1.69 35.45
C LEU C 125 -9.99 1.55 36.96
N ARG C 126 -11.21 1.51 37.49
CA ARG C 126 -11.38 1.31 38.93
C ARG C 126 -11.02 -0.12 39.32
N GLN C 127 -11.52 -1.10 38.57
CA GLN C 127 -11.20 -2.50 38.87
C GLN C 127 -9.73 -2.81 38.57
N PHE C 128 -9.16 -2.19 37.53
CA PHE C 128 -7.75 -2.40 37.23
C PHE C 128 -6.86 -1.84 38.32
N ASP C 129 -7.22 -0.69 38.88
CA ASP C 129 -6.40 -0.08 39.92
C ASP C 129 -6.37 -0.93 41.18
N GLN C 130 -7.52 -1.50 41.58
CA GLN C 130 -7.53 -2.43 42.70
C GLN C 130 -6.74 -3.68 42.38
N LEU C 131 -6.85 -4.18 41.15
CA LEU C 131 -6.14 -5.39 40.76
C LEU C 131 -4.64 -5.14 40.66
N SER C 132 -4.23 -4.03 40.05
CA SER C 132 -2.80 -3.74 39.90
C SER C 132 -2.14 -3.51 41.25
N SER C 133 -2.84 -2.81 42.16
CA SER C 133 -2.29 -2.62 43.50
C SER C 133 -2.17 -3.94 44.26
N SER C 134 -2.97 -4.94 43.89
CA SER C 134 -2.84 -6.25 44.51
C SER C 134 -1.61 -6.99 44.03
N GLN C 135 -1.12 -6.66 42.83
CA GLN C 135 0.10 -7.26 42.31
C GLN C 135 1.37 -6.52 42.72
N ALA C 136 1.24 -5.35 43.34
CA ALA C 136 2.40 -4.61 43.82
C ALA C 136 2.86 -5.06 45.20
N VAL C 137 2.08 -5.90 45.88
CA VAL C 137 2.47 -6.40 47.19
C VAL C 137 3.31 -7.67 47.09
N ARG C 138 3.42 -8.25 45.90
CA ARG C 138 4.21 -9.47 45.73
C ARG C 138 5.66 -9.22 46.13
N THR C 139 6.18 -10.08 47.00
CA THR C 139 7.54 -9.94 47.50
C THR C 139 8.01 -11.28 48.02
N GLY C 140 9.33 -11.39 48.20
CA GLY C 140 9.89 -12.63 48.69
C GLY C 140 10.05 -13.64 47.58
N PHE C 141 9.55 -14.84 47.81
CA PHE C 141 9.69 -15.93 46.84
C PHE C 141 8.84 -15.73 45.59
N ASP C 142 7.93 -14.75 45.59
CA ASP C 142 7.11 -14.52 44.41
C ASP C 142 7.89 -13.88 43.28
N LEU C 143 8.89 -13.06 43.61
CA LEU C 143 9.70 -12.36 42.62
C LEU C 143 10.99 -13.09 42.27
N VAL C 144 11.13 -14.34 42.72
CA VAL C 144 12.38 -15.06 42.51
C VAL C 144 12.59 -15.34 41.03
N ARG C 145 13.86 -15.37 40.61
CA ARG C 145 14.25 -15.71 39.26
C ARG C 145 15.39 -16.72 39.30
N PRO C 146 15.43 -17.65 38.36
CA PRO C 146 16.50 -18.66 38.37
C PRO C 146 17.86 -18.03 38.13
N LYS C 147 18.86 -18.57 38.83
CA LYS C 147 20.27 -18.19 38.66
C LYS C 147 20.50 -16.70 38.92
N GLU C 148 19.68 -16.09 39.78
CA GLU C 148 19.81 -14.68 40.09
C GLU C 148 19.47 -14.44 41.56
N PHE C 149 19.99 -13.35 42.09
CA PHE C 149 19.73 -12.94 43.46
C PHE C 149 18.66 -11.86 43.47
N ILE C 150 17.58 -12.10 44.20
CA ILE C 150 16.47 -11.16 44.32
C ILE C 150 16.42 -10.66 45.76
N SER C 151 16.54 -9.35 45.92
CA SER C 151 16.53 -8.70 47.23
C SER C 151 15.26 -7.89 47.37
N SER C 152 14.46 -8.19 48.40
CA SER C 152 13.22 -7.47 48.69
C SER C 152 13.21 -7.19 50.19
N GLY C 153 13.52 -5.95 50.56
CA GLY C 153 13.64 -5.58 51.95
C GLY C 153 14.76 -6.34 52.64
N PRO C 154 14.44 -7.00 53.75
CA PRO C 154 15.45 -7.80 54.47
C PRO C 154 15.63 -9.22 53.95
N TYR C 155 15.14 -9.54 52.76
CA TYR C 155 15.18 -10.89 52.22
C TYR C 155 16.05 -10.91 50.97
N THR C 156 16.93 -11.91 50.88
CA THR C 156 17.71 -12.16 49.67
C THR C 156 17.52 -13.62 49.30
N ILE C 157 17.00 -13.87 48.10
CA ILE C 157 16.62 -15.21 47.67
C ILE C 157 17.30 -15.52 46.35
N TYR C 158 17.97 -16.68 46.29
CA TYR C 158 18.61 -17.15 45.07
C TYR C 158 18.13 -18.56 44.79
N ALA C 159 17.61 -18.79 43.58
CA ALA C 159 17.12 -20.09 43.17
C ALA C 159 17.91 -20.57 41.97
N GLY C 160 18.45 -21.79 42.05
CA GLY C 160 19.23 -22.33 40.95
C GLY C 160 18.41 -22.73 39.75
N ASP C 161 17.12 -23.00 39.94
CA ASP C 161 16.26 -23.40 38.85
C ASP C 161 14.83 -23.04 39.19
N LEU C 162 13.98 -22.98 38.18
CA LEU C 162 12.58 -22.63 38.34
C LEU C 162 11.76 -23.35 37.29
N SER C 163 10.57 -23.81 37.68
CA SER C 163 9.71 -24.52 36.76
C SER C 163 9.06 -23.54 35.77
N GLU C 164 8.32 -24.09 34.82
CA GLU C 164 7.57 -23.25 33.89
C GLU C 164 6.56 -22.41 34.63
N ASP C 165 5.85 -23.00 35.59
CA ASP C 165 5.11 -22.24 36.58
C ASP C 165 6.04 -21.80 37.69
N ARG C 166 5.65 -20.75 38.40
CA ARG C 166 6.52 -20.19 39.42
C ARG C 166 6.42 -20.98 40.72
N LYS C 167 6.59 -22.30 40.64
CA LYS C 167 6.60 -23.19 41.80
C LYS C 167 7.76 -24.17 41.66
N ASN C 168 7.99 -24.94 42.72
CA ASN C 168 9.00 -26.00 42.74
C ASN C 168 10.39 -25.43 42.44
N LEU C 169 10.87 -24.56 43.34
CA LEU C 169 12.19 -24.00 43.23
C LEU C 169 13.26 -25.07 43.47
N LYS C 170 14.45 -24.82 42.95
CA LYS C 170 15.59 -25.72 43.11
C LYS C 170 16.84 -24.92 43.48
N ASP C 171 17.65 -25.48 44.35
CA ASP C 171 18.92 -24.88 44.79
C ASP C 171 18.67 -23.48 45.38
N ILE C 172 17.95 -23.49 46.49
CA ILE C 172 17.44 -22.26 47.10
C ILE C 172 18.43 -21.76 48.15
N PHE C 173 18.74 -20.47 48.08
CA PHE C 173 19.56 -19.79 49.08
C PHE C 173 18.77 -18.61 49.63
N PHE C 174 18.60 -18.58 50.95
CA PHE C 174 17.82 -17.55 51.62
C PHE C 174 18.67 -16.87 52.68
N TYR C 175 18.68 -15.54 52.68
CA TYR C 175 19.46 -14.77 53.64
C TYR C 175 18.61 -13.64 54.20
N GLN C 176 18.87 -13.31 55.45
CA GLN C 176 18.17 -12.21 56.11
C GLN C 176 18.93 -10.89 55.99
N ASP C 185 20.52 -12.29 61.52
CA ASP C 185 20.76 -12.79 60.17
C ASP C 185 20.62 -14.31 60.12
N VAL C 186 19.60 -14.78 59.41
CA VAL C 186 19.31 -16.19 59.28
C VAL C 186 19.56 -16.61 57.84
N MET C 187 20.41 -17.60 57.65
CA MET C 187 20.77 -18.11 56.32
C MET C 187 20.19 -19.52 56.17
N ILE C 188 19.41 -19.71 55.11
CA ILE C 188 18.74 -20.98 54.86
C ILE C 188 19.08 -21.44 53.45
N LEU C 189 19.57 -22.67 53.33
CA LEU C 189 19.88 -23.30 52.05
C LEU C 189 19.08 -24.58 51.92
N ALA C 190 18.38 -24.75 50.81
CA ALA C 190 17.56 -25.95 50.59
C ALA C 190 17.74 -26.44 49.17
N LYS C 191 17.62 -27.75 49.00
CA LYS C 191 17.70 -28.35 47.67
C LYS C 191 16.42 -28.11 46.88
N GLU C 192 15.26 -28.18 47.53
CA GLU C 192 13.98 -27.99 46.89
C GLU C 192 13.10 -27.08 47.74
N ALA C 193 12.18 -26.38 47.09
CA ALA C 193 11.21 -25.55 47.78
C ALA C 193 9.97 -25.40 46.91
N THR C 194 8.81 -25.70 47.50
CA THR C 194 7.53 -25.59 46.82
C THR C 194 6.71 -24.50 47.50
N LYS C 247 -7.30 7.86 42.53
CA LYS C 247 -7.05 8.48 41.23
C LYS C 247 -8.34 9.04 40.64
N VAL C 248 -8.28 10.27 40.13
CA VAL C 248 -9.46 10.89 39.54
C VAL C 248 -9.82 10.24 38.21
N GLU C 249 -8.89 9.53 37.58
CA GLU C 249 -9.14 8.91 36.30
C GLU C 249 -10.14 7.76 36.39
N ALA C 250 -10.39 7.27 37.61
CA ALA C 250 -11.27 6.09 37.78
C ALA C 250 -12.49 6.44 38.63
N LEU C 251 -12.42 7.54 39.38
CA LEU C 251 -13.54 7.92 40.28
C LEU C 251 -14.84 7.86 39.47
N PRO C 252 -15.90 7.20 39.96
CA PRO C 252 -17.17 7.17 39.25
C PRO C 252 -17.59 8.57 38.84
N SER C 253 -18.16 8.72 37.64
CA SER C 253 -18.54 10.06 37.14
C SER C 253 -19.44 10.76 38.16
N SER C 254 -20.32 10.01 38.84
CA SER C 254 -21.27 10.64 39.79
C SER C 254 -20.52 11.64 40.67
N LYS C 255 -19.34 11.25 41.17
CA LYS C 255 -18.57 12.13 42.07
C LYS C 255 -18.16 13.40 41.32
N LEU C 256 -17.59 13.26 40.13
CA LEU C 256 -17.09 14.44 39.38
C LEU C 256 -18.27 15.14 38.69
N TRP C 257 -19.48 14.61 38.86
CA TRP C 257 -20.66 15.19 38.15
C TRP C 257 -20.84 16.67 38.51
N ASN C 258 -20.71 17.02 39.79
CA ASN C 258 -20.98 18.43 40.20
C ASN C 258 -19.75 19.00 40.92
N LYS C 259 -18.78 18.14 41.26
CA LYS C 259 -17.59 18.61 42.01
C LYS C 259 -16.64 19.35 41.07
N TRP C 260 -17.12 20.41 40.41
CA TRP C 260 -16.27 21.19 39.48
C TRP C 260 -15.49 22.26 40.24
N ASN C 261 -14.95 23.26 39.52
CA ASN C 261 -14.24 24.39 40.18
C ASN C 261 -12.96 23.88 40.84
N ASP C 262 -12.56 22.65 40.49
CA ASP C 262 -11.28 22.07 40.99
C ASP C 262 -10.54 21.55 39.76
N PRO C 263 -9.30 22.02 39.47
CA PRO C 263 -8.60 21.62 38.24
C PRO C 263 -8.69 20.10 37.99
N VAL C 264 -8.59 19.30 39.05
CA VAL C 264 -8.60 17.82 38.89
C VAL C 264 -9.88 17.40 38.14
N ILE C 265 -11.05 17.68 38.73
CA ILE C 265 -12.35 17.28 38.10
C ILE C 265 -12.55 18.12 36.84
N ALA C 266 -12.21 19.41 36.90
CA ALA C 266 -12.41 20.31 35.74
C ALA C 266 -11.75 19.70 34.51
N SER C 267 -10.60 19.03 34.70
CA SER C 267 -9.88 18.40 33.56
C SER C 267 -10.51 17.05 33.22
N GLU C 268 -10.78 16.22 34.24
CA GLU C 268 -11.31 14.86 33.96
C GLU C 268 -12.76 14.94 33.45
N MET C 269 -13.64 15.63 34.17
CA MET C 269 -15.04 15.64 33.80
C MET C 269 -15.24 16.25 32.42
N GLY C 270 -14.50 17.31 32.10
CA GLY C 270 -14.53 17.85 30.75
C GLY C 270 -14.00 16.87 29.73
N TRP C 271 -13.01 16.06 30.11
CA TRP C 271 -12.49 15.04 29.22
C TRP C 271 -13.52 13.96 28.93
N ARG C 272 -14.46 13.75 29.84
CA ARG C 272 -15.52 12.76 29.66
C ARG C 272 -16.73 13.31 28.95
N VAL C 273 -16.97 14.61 29.00
CA VAL C 273 -18.14 15.21 28.39
C VAL C 273 -17.85 15.67 26.97
N PHE C 274 -16.77 16.43 26.78
CA PHE C 274 -16.36 16.88 25.46
C PHE C 274 -15.50 15.86 24.72
N GLY C 275 -15.08 14.80 25.38
CA GLY C 275 -14.31 13.75 24.76
C GLY C 275 -15.04 12.97 23.68
N PRO C 276 -16.28 12.53 23.94
CA PRO C 276 -17.01 11.75 22.93
C PRO C 276 -17.26 12.51 21.64
N PHE C 277 -17.20 13.83 21.65
CA PHE C 277 -17.44 14.59 20.44
C PHE C 277 -16.30 14.55 19.46
N THR C 278 -15.25 13.76 19.70
CA THR C 278 -14.23 13.55 18.68
C THR C 278 -14.73 12.63 17.56
N ILE C 279 -15.81 11.89 17.80
CA ILE C 279 -16.41 11.10 16.74
C ILE C 279 -16.96 11.99 15.64
N VAL C 280 -17.67 13.06 16.02
CA VAL C 280 -18.17 14.00 15.03
C VAL C 280 -17.02 14.66 14.29
N ILE C 281 -15.97 15.05 15.01
CA ILE C 281 -14.81 15.63 14.37
C ILE C 281 -14.11 14.60 13.48
N ALA C 282 -14.12 13.33 13.89
CA ALA C 282 -13.58 12.28 13.03
C ALA C 282 -14.45 12.01 11.81
N LEU C 283 -15.68 12.53 11.78
CA LEU C 283 -16.56 12.37 10.62
C LEU C 283 -16.33 13.47 9.60
N MET C 284 -16.31 14.73 10.02
CA MET C 284 -16.14 15.82 9.09
C MET C 284 -14.69 16.05 8.70
N MET C 285 -13.73 15.44 9.40
CA MET C 285 -12.33 15.52 9.00
C MET C 285 -11.92 14.35 8.11
N ALA C 286 -12.60 13.22 8.23
CA ALA C 286 -12.39 12.13 7.28
C ALA C 286 -13.04 12.42 5.94
N VAL C 287 -14.13 13.19 5.94
CA VAL C 287 -14.74 13.62 4.68
C VAL C 287 -13.83 14.61 3.95
N ALA C 288 -13.15 15.48 4.71
CA ALA C 288 -12.30 16.49 4.09
C ALA C 288 -11.05 15.89 3.47
N LEU C 289 -10.44 14.91 4.15
CA LEU C 289 -9.14 14.38 3.76
C LEU C 289 -9.24 13.01 3.10
N CYS C 290 -10.27 12.79 2.28
CA CYS C 290 -10.46 11.49 1.65
C CYS C 290 -10.32 11.50 0.14
N GLU C 291 -10.26 12.66 -0.49
CA GLU C 291 -10.16 12.73 -1.95
C GLU C 291 -8.83 12.13 -2.40
N VAL C 292 -8.89 11.06 -3.19
CA VAL C 292 -7.70 10.36 -3.64
C VAL C 292 -7.93 9.87 -5.07
N SER C 293 -6.87 9.89 -5.86
CA SER C 293 -6.95 9.48 -7.25
C SER C 293 -7.02 7.96 -7.37
N PRO C 294 -7.66 7.45 -8.43
CA PRO C 294 -7.73 5.99 -8.61
C PRO C 294 -6.37 5.32 -8.65
N ARG C 295 -5.38 5.95 -9.29
CA ARG C 295 -4.04 5.37 -9.34
C ARG C 295 -3.27 5.59 -8.04
N GLN C 296 -3.69 6.54 -7.20
CA GLN C 296 -3.01 6.80 -5.94
C GLN C 296 -3.27 5.69 -4.94
N GLY C 297 -4.50 5.19 -4.89
CA GLY C 297 -4.82 4.08 -4.02
C GLY C 297 -5.83 4.40 -2.94
N ARG C 298 -6.42 3.37 -2.35
CA ARG C 298 -7.36 3.57 -1.25
C ARG C 298 -6.65 3.97 0.03
N TYR C 299 -5.40 3.52 0.21
CA TYR C 299 -4.63 3.75 1.43
C TYR C 299 -3.62 4.88 1.29
N TYR C 300 -3.67 5.65 0.20
CA TYR C 300 -2.66 6.69 -0.01
C TYR C 300 -2.76 7.78 1.05
N ARG C 301 -3.97 8.21 1.38
CA ARG C 301 -4.17 9.32 2.29
C ARG C 301 -4.38 8.89 3.73
N LEU C 302 -4.01 7.65 4.07
CA LEU C 302 -4.17 7.20 5.45
C LEU C 302 -3.10 7.78 6.35
N ILE C 303 -1.83 7.44 6.09
CA ILE C 303 -0.75 7.89 6.96
C ILE C 303 -0.66 9.41 7.05
N PRO C 304 -0.74 10.17 5.94
CA PRO C 304 -0.77 11.63 6.09
C PRO C 304 -1.94 12.14 6.94
N ALA C 305 -3.10 11.48 6.89
CA ALA C 305 -4.28 11.98 7.57
C ALA C 305 -4.52 11.36 8.94
N ILE C 306 -3.92 10.21 9.24
CA ILE C 306 -3.93 9.73 10.61
C ILE C 306 -3.13 10.64 11.53
N PHE C 307 -2.05 11.24 11.03
CA PHE C 307 -1.29 12.23 11.79
C PHE C 307 -2.04 13.53 11.98
N ILE C 308 -2.91 13.91 11.04
CA ILE C 308 -3.74 15.10 11.22
C ILE C 308 -4.80 14.83 12.28
N PHE C 309 -5.38 13.63 12.29
CA PHE C 309 -6.29 13.25 13.37
C PHE C 309 -5.55 13.13 14.69
N ALA C 310 -4.38 12.50 14.68
CA ALA C 310 -3.61 12.33 15.90
C ALA C 310 -3.15 13.66 16.47
N SER C 311 -2.96 14.67 15.63
CA SER C 311 -2.62 16.00 16.15
C SER C 311 -3.76 16.59 16.95
N LEU C 312 -5.00 16.17 16.67
CA LEU C 312 -6.12 16.60 17.49
C LEU C 312 -6.09 15.95 18.85
N ILE C 313 -5.86 14.64 18.89
CA ILE C 313 -5.85 13.93 20.17
C ILE C 313 -4.66 14.38 21.02
N VAL C 314 -3.50 14.52 20.41
CA VAL C 314 -2.32 15.01 21.13
C VAL C 314 -2.58 16.41 21.70
N LEU C 315 -3.30 17.25 20.94
CA LEU C 315 -3.69 18.55 21.48
C LEU C 315 -4.67 18.40 22.63
N LEU C 316 -5.58 17.43 22.54
CA LEU C 316 -6.58 17.26 23.60
C LEU C 316 -5.97 16.66 24.85
N ILE C 317 -4.96 15.79 24.71
CA ILE C 317 -4.21 15.34 25.87
C ILE C 317 -3.37 16.46 26.47
N ALA C 318 -2.82 17.34 25.63
CA ALA C 318 -2.09 18.51 26.11
C ALA C 318 -3.00 19.57 26.71
N ILE C 319 -4.31 19.49 26.45
CA ILE C 319 -5.25 20.41 27.09
C ILE C 319 -5.73 19.83 28.42
N ARG C 320 -5.93 18.52 28.49
CA ARG C 320 -6.33 17.89 29.75
C ARG C 320 -5.32 18.13 30.85
N THR C 321 -4.04 18.17 30.51
CA THR C 321 -2.99 18.43 31.49
C THR C 321 -2.94 19.89 31.90
N ARG C 322 -3.11 20.81 30.95
CA ARG C 322 -2.97 22.25 31.27
C ARG C 322 -4.23 22.71 32.01
N ILE C 323 -5.26 21.86 32.09
CA ILE C 323 -6.46 22.23 32.90
C ILE C 323 -6.22 21.69 34.29
N SER C 324 -5.66 20.49 34.39
CA SER C 324 -5.36 19.86 35.68
C SER C 324 -4.44 20.73 36.52
N ARG C 325 -3.63 21.56 35.85
CA ARG C 325 -2.70 22.50 36.54
C ARG C 325 -3.34 23.88 36.64
N ASP C 326 -4.65 23.98 36.44
CA ASP C 326 -5.38 25.23 36.58
C ASP C 326 -4.66 26.34 35.80
N GLU C 327 -4.36 26.05 34.55
CA GLU C 327 -3.71 27.01 33.66
C GLU C 327 -4.52 27.40 32.45
N LEU C 328 -5.53 26.63 32.07
CA LEU C 328 -6.19 26.87 30.80
C LEU C 328 -7.70 27.00 30.92
N GLY C 329 -8.34 26.25 31.81
CA GLY C 329 -9.79 26.35 31.90
C GLY C 329 -10.49 25.30 31.06
N VAL C 330 -11.69 24.92 31.51
CA VAL C 330 -12.41 23.81 30.89
C VAL C 330 -12.99 24.21 29.53
N TRP C 331 -13.07 25.50 29.22
CA TRP C 331 -13.65 25.94 27.96
C TRP C 331 -12.83 25.52 26.75
N ALA C 332 -11.59 25.08 26.94
CA ALA C 332 -10.72 24.78 25.82
C ALA C 332 -10.97 23.42 25.20
N TYR C 333 -11.86 22.60 25.78
CA TYR C 333 -12.19 21.34 25.14
C TYR C 333 -13.02 21.54 23.87
N PRO C 334 -14.17 22.24 23.90
CA PRO C 334 -14.86 22.50 22.64
C PRO C 334 -14.07 23.38 21.68
N ALA C 335 -13.25 24.29 22.21
CA ALA C 335 -12.46 25.16 21.35
C ALA C 335 -11.46 24.35 20.52
N ALA C 336 -10.83 23.35 21.12
CA ALA C 336 -9.93 22.48 20.37
C ALA C 336 -10.70 21.70 19.32
N LEU C 337 -11.90 21.22 19.66
CA LEU C 337 -12.72 20.50 18.70
C LEU C 337 -13.29 21.44 17.64
N ALA C 338 -13.71 22.64 18.04
CA ALA C 338 -14.28 23.57 17.09
C ALA C 338 -13.27 24.02 16.04
N VAL C 339 -12.02 24.26 16.46
CA VAL C 339 -11.00 24.65 15.49
C VAL C 339 -10.76 23.54 14.49
N TYR C 340 -10.70 22.29 14.95
CA TYR C 340 -10.57 21.17 14.03
C TYR C 340 -11.87 20.93 13.27
N GLY C 341 -13.01 21.18 13.90
CA GLY C 341 -14.27 21.05 13.18
C GLY C 341 -14.44 22.08 12.09
N ILE C 342 -14.10 23.34 12.38
CA ILE C 342 -14.20 24.39 11.38
C ILE C 342 -13.15 24.21 10.29
N ALA C 343 -11.93 23.83 10.68
CA ALA C 343 -10.88 23.61 9.67
C ALA C 343 -11.25 22.49 8.73
N ALA C 344 -11.84 21.41 9.25
CA ALA C 344 -12.27 20.31 8.39
C ALA C 344 -13.45 20.72 7.51
N ALA C 345 -14.38 21.50 8.06
CA ALA C 345 -15.51 21.94 7.27
C ALA C 345 -15.07 22.90 6.16
N LEU C 346 -14.13 23.79 6.46
CA LEU C 346 -13.63 24.71 5.44
C LEU C 346 -12.84 23.98 4.36
N PHE C 347 -12.03 22.98 4.74
CA PHE C 347 -11.26 22.25 3.76
C PHE C 347 -12.13 21.39 2.86
N SER C 348 -13.22 20.83 3.41
CA SER C 348 -14.15 20.06 2.60
C SER C 348 -14.96 20.92 1.65
N ARG C 349 -14.90 22.24 1.79
CA ARG C 349 -15.68 23.19 1.00
C ARG C 349 -14.78 24.22 0.37
N LYS C 350 -13.67 23.76 -0.21
CA LYS C 350 -12.71 24.65 -0.84
C LYS C 350 -12.80 24.58 -2.36
N ARG D 4 27.20 -7.63 -14.98
CA ARG D 4 26.19 -6.59 -14.93
C ARG D 4 26.46 -5.61 -13.79
N ARG D 5 26.54 -4.33 -14.12
CA ARG D 5 26.77 -3.33 -13.09
C ARG D 5 25.75 -2.19 -13.11
N ILE D 6 25.31 -1.75 -14.30
CA ILE D 6 24.40 -0.62 -14.36
C ILE D 6 23.04 -0.99 -13.76
N VAL D 7 22.55 -2.19 -14.06
CA VAL D 7 21.30 -2.63 -13.46
C VAL D 7 21.46 -2.80 -11.95
N ALA D 8 22.59 -3.35 -11.52
CA ALA D 8 22.81 -3.58 -10.10
C ALA D 8 22.85 -2.28 -9.32
N LYS D 9 23.50 -1.25 -9.87
CA LYS D 9 23.54 0.04 -9.19
C LYS D 9 22.15 0.66 -9.10
N HIS D 10 21.35 0.52 -10.16
CA HIS D 10 20.01 1.11 -10.15
C HIS D 10 19.13 0.46 -9.09
N VAL D 11 19.18 -0.86 -8.96
CA VAL D 11 18.36 -1.55 -7.98
C VAL D 11 18.88 -1.28 -6.57
N THR D 12 20.21 -1.30 -6.39
CA THR D 12 20.78 -1.09 -5.07
C THR D 12 20.59 0.35 -4.60
N LYS D 13 20.89 1.32 -5.47
CA LYS D 13 20.77 2.72 -5.07
C LYS D 13 19.34 3.10 -4.78
N THR D 14 18.39 2.63 -5.59
CA THR D 14 16.99 2.95 -5.36
C THR D 14 16.52 2.39 -4.02
N THR D 15 16.92 1.16 -3.68
CA THR D 15 16.52 0.57 -2.41
C THR D 15 17.30 1.19 -1.25
N ALA D 16 18.58 1.47 -1.45
CA ALA D 16 19.39 2.07 -0.38
C ALA D 16 18.84 3.44 0.01
N LEU D 17 18.47 4.26 -0.97
CA LEU D 17 17.88 5.55 -0.66
C LEU D 17 16.52 5.40 0.01
N ALA D 18 15.80 4.32 -0.28
CA ALA D 18 14.52 4.09 0.39
C ALA D 18 14.72 3.55 1.79
N MET D 19 15.76 2.73 2.01
CA MET D 19 16.07 2.24 3.34
C MET D 19 16.62 3.35 4.22
N LEU D 20 17.46 4.22 3.66
CA LEU D 20 17.99 5.34 4.43
C LEU D 20 16.95 6.44 4.59
N GLY D 21 16.11 6.64 3.57
CA GLY D 21 15.06 7.64 3.69
C GLY D 21 14.04 7.28 4.75
N THR D 22 13.65 6.00 4.81
CA THR D 22 12.74 5.55 5.86
C THR D 22 13.40 5.63 7.22
N THR D 23 14.70 5.36 7.28
CA THR D 23 15.43 5.44 8.54
C THR D 23 15.43 6.85 9.10
N ILE D 24 15.66 7.85 8.24
CA ILE D 24 15.67 9.24 8.71
C ILE D 24 14.29 9.63 9.22
N VAL D 25 13.23 9.24 8.49
CA VAL D 25 11.88 9.60 8.90
C VAL D 25 11.50 8.90 10.20
N LEU D 26 11.77 7.59 10.30
CA LEU D 26 11.34 6.83 11.46
C LEU D 26 12.04 7.28 12.74
N VAL D 27 13.31 7.67 12.66
CA VAL D 27 14.01 8.17 13.83
C VAL D 27 13.48 9.53 14.23
N ILE D 28 13.21 10.41 13.26
CA ILE D 28 12.69 11.74 13.57
C ILE D 28 11.32 11.64 14.23
N LEU D 29 10.46 10.77 13.71
CA LEU D 29 9.15 10.56 14.35
C LEU D 29 9.28 10.00 15.75
N GLN D 30 10.17 9.03 15.97
CA GLN D 30 10.32 8.46 17.30
C GLN D 30 10.96 9.43 18.28
N VAL D 31 11.83 10.32 17.82
CA VAL D 31 12.37 11.36 18.70
C VAL D 31 11.27 12.33 19.11
N LEU D 32 10.43 12.74 18.16
CA LEU D 32 9.32 13.63 18.48
C LEU D 32 8.30 12.95 19.38
N PHE D 33 7.96 11.69 19.09
CA PHE D 33 6.99 10.98 19.91
C PHE D 33 7.51 10.72 21.31
N THR D 34 8.78 10.33 21.44
CA THR D 34 9.38 10.12 22.76
C THR D 34 9.46 11.43 23.52
N TYR D 35 9.76 12.54 22.83
CA TYR D 35 9.85 13.84 23.50
C TYR D 35 8.51 14.24 24.09
N LEU D 36 7.40 13.90 23.42
CA LEU D 36 6.09 14.18 23.97
C LEU D 36 5.88 13.43 25.29
N GLY D 37 6.33 12.17 25.32
CA GLY D 37 6.11 11.33 26.51
C GLY D 37 6.92 11.75 27.72
N GLU D 38 8.24 11.86 27.58
CA GLU D 38 9.12 12.22 28.73
C GLU D 38 8.58 13.52 29.33
N LEU D 39 8.13 14.44 28.49
CA LEU D 39 7.67 15.76 29.00
C LEU D 39 6.78 15.49 30.23
N SER D 40 6.08 14.36 30.24
CA SER D 40 5.26 14.02 31.43
C SER D 40 6.10 14.24 32.69
N ASN D 41 7.16 13.45 32.87
CA ASN D 41 7.99 13.56 34.09
C ASN D 41 9.01 14.69 33.94
N LEU D 42 8.53 15.93 33.79
CA LEU D 42 9.47 17.09 33.73
C LEU D 42 9.68 17.60 35.16
N SER D 47 14.38 19.87 33.40
CA SER D 47 13.61 20.88 32.63
C SER D 47 13.37 20.38 31.21
N ALA D 48 12.41 20.97 30.50
CA ALA D 48 12.08 20.45 29.15
C ALA D 48 13.37 20.33 28.34
N TRP D 49 14.20 21.37 28.34
CA TRP D 49 15.50 21.25 27.64
C TRP D 49 16.27 20.07 28.23
N GLN D 50 16.33 19.98 29.55
CA GLN D 50 16.99 18.81 30.18
C GLN D 50 16.29 17.56 29.66
N ALA D 51 15.10 17.72 29.08
CA ALA D 51 14.35 16.56 28.59
C ALA D 51 14.49 16.37 27.09
N PHE D 52 14.94 17.39 26.35
CA PHE D 52 15.23 17.22 24.94
C PHE D 52 16.59 16.55 24.71
N LEU D 53 17.59 16.88 25.52
CA LEU D 53 18.88 16.23 25.39
C LEU D 53 18.80 14.76 25.76
N TYR D 54 18.00 14.42 26.77
CA TYR D 54 17.83 13.02 27.15
C TYR D 54 17.20 12.20 26.04
N VAL D 55 16.28 12.79 25.28
CA VAL D 55 15.68 12.11 24.13
C VAL D 55 16.61 12.17 22.93
N LEU D 56 17.29 13.30 22.73
CA LEU D 56 18.21 13.42 21.61
C LEU D 56 19.39 12.47 21.75
N TRP D 57 19.93 12.32 22.96
CA TRP D 57 21.00 11.37 23.18
C TRP D 57 20.55 9.92 23.01
N GLY D 58 19.27 9.66 23.14
CA GLY D 58 18.75 8.34 22.89
C GLY D 58 18.48 8.01 21.45
N ALA D 59 18.71 8.96 20.54
CA ALA D 59 18.47 8.72 19.12
C ALA D 59 19.26 7.55 18.56
N PRO D 60 20.56 7.37 18.85
CA PRO D 60 21.25 6.17 18.34
C PRO D 60 20.63 4.87 18.82
N ARG D 61 20.06 4.84 20.02
CA ARG D 61 19.38 3.64 20.48
C ARG D 61 18.00 3.47 19.84
N TYR D 62 17.30 4.57 19.55
CA TYR D 62 16.11 4.47 18.72
C TYR D 62 16.48 4.09 17.30
N LEU D 63 17.63 4.58 16.83
CA LEU D 63 18.10 4.23 15.49
C LEU D 63 18.43 2.75 15.39
N TYR D 64 19.04 2.17 16.43
CA TYR D 64 19.43 0.77 16.39
C TYR D 64 18.21 -0.15 16.31
N GLU D 65 17.10 0.23 16.94
CA GLU D 65 15.90 -0.59 16.97
C GLU D 65 14.98 -0.34 15.78
N ILE D 66 15.27 0.68 14.96
CA ILE D 66 14.50 0.94 13.75
C ILE D 66 15.09 0.26 12.52
N LEU D 67 16.38 -0.03 12.53
CA LEU D 67 17.03 -0.61 11.35
C LEU D 67 16.33 -1.87 10.83
N PRO D 68 15.92 -2.84 11.66
CA PRO D 68 15.17 -3.98 11.11
C PRO D 68 13.87 -3.59 10.43
N ILE D 69 13.15 -2.60 10.96
CA ILE D 69 11.87 -2.22 10.37
C ILE D 69 12.02 -1.17 9.27
N SER D 70 13.09 -0.39 9.27
CA SER D 70 13.34 0.53 8.16
C SER D 70 13.86 -0.21 6.94
N ALA D 71 14.57 -1.32 7.14
CA ALA D 71 14.99 -2.13 6.00
C ALA D 71 13.82 -2.88 5.39
N LEU D 72 12.84 -3.27 6.20
CA LEU D 72 11.63 -3.91 5.67
C LEU D 72 10.83 -2.93 4.83
N ILE D 73 10.56 -1.73 5.37
CA ILE D 73 9.82 -0.72 4.62
C ILE D 73 10.64 -0.20 3.46
N GLY D 74 11.96 -0.10 3.63
CA GLY D 74 12.80 0.39 2.54
C GLY D 74 12.76 -0.52 1.33
N ALA D 75 12.83 -1.84 1.55
CA ALA D 75 12.73 -2.77 0.43
C ALA D 75 11.34 -2.81 -0.15
N ILE D 76 10.31 -2.56 0.66
CA ILE D 76 8.95 -2.50 0.15
C ILE D 76 8.76 -1.28 -0.73
N LEU D 77 9.20 -0.11 -0.26
CA LEU D 77 9.08 1.11 -1.04
C LEU D 77 10.13 1.19 -2.14
N GLY D 78 11.33 0.70 -1.88
CA GLY D 78 12.37 0.73 -2.90
C GLY D 78 12.04 -0.14 -4.10
N LEU D 79 11.60 -1.37 -3.85
CA LEU D 79 11.20 -2.25 -4.93
C LEU D 79 9.79 -1.97 -5.42
N GLY D 80 8.93 -1.43 -4.54
CA GLY D 80 7.59 -1.07 -4.98
C GLY D 80 7.61 -0.02 -6.06
N THR D 81 8.52 0.96 -5.95
CA THR D 81 8.68 1.95 -7.02
C THR D 81 9.15 1.29 -8.29
N LEU D 82 10.06 0.33 -8.19
CA LEU D 82 10.52 -0.41 -9.37
C LEU D 82 9.41 -1.30 -9.91
N ALA D 83 8.64 -1.95 -9.03
CA ALA D 83 7.60 -2.86 -9.48
C ALA D 83 6.44 -2.11 -10.13
N SER D 84 5.96 -1.05 -9.48
CA SER D 84 4.81 -0.32 -9.99
C SER D 84 5.13 0.39 -11.30
N ASN D 85 6.39 0.69 -11.56
CA ASN D 85 6.82 1.29 -12.83
C ASN D 85 7.11 0.24 -13.89
N SER D 86 6.79 -1.03 -13.62
CA SER D 86 7.03 -2.13 -14.55
C SER D 86 8.51 -2.26 -14.89
N GLU D 87 9.38 -1.94 -13.94
CA GLU D 87 10.82 -2.10 -14.15
C GLU D 87 11.32 -3.47 -13.74
N LEU D 88 10.64 -4.14 -12.79
CA LEU D 88 11.03 -5.50 -12.44
C LEU D 88 10.60 -6.51 -13.48
N ILE D 89 9.57 -6.19 -14.28
CA ILE D 89 9.14 -7.09 -15.34
C ILE D 89 10.17 -7.13 -16.46
N VAL D 90 10.77 -5.98 -16.80
CA VAL D 90 11.74 -5.94 -17.89
C VAL D 90 13.13 -6.35 -17.48
N MET D 91 13.39 -6.49 -16.18
CA MET D 91 14.62 -7.16 -15.77
C MET D 91 14.49 -8.67 -15.91
N ARG D 92 13.31 -9.22 -15.62
CA ARG D 92 13.09 -10.63 -15.88
C ARG D 92 12.99 -10.92 -17.37
N SER D 93 12.46 -9.97 -18.15
CA SER D 93 12.31 -10.16 -19.59
C SER D 93 13.64 -10.26 -20.31
N VAL D 94 14.75 -9.91 -19.67
CA VAL D 94 16.07 -9.99 -20.28
C VAL D 94 16.94 -11.08 -19.66
N GLY D 95 16.52 -11.69 -18.56
CA GLY D 95 17.25 -12.80 -17.99
C GLY D 95 17.87 -12.55 -16.64
N ILE D 96 17.24 -11.70 -15.83
CA ILE D 96 17.69 -11.42 -14.48
C ILE D 96 16.71 -12.09 -13.52
N SER D 97 17.19 -13.05 -12.76
CA SER D 97 16.32 -13.88 -11.94
C SER D 97 15.75 -13.08 -10.77
N LEU D 98 14.75 -13.68 -10.10
CA LEU D 98 14.20 -13.07 -8.90
C LEU D 98 15.22 -13.08 -7.77
N TRP D 99 15.98 -14.16 -7.65
CA TRP D 99 16.98 -14.24 -6.58
C TRP D 99 18.15 -13.31 -6.82
N ARG D 100 18.38 -12.90 -8.06
CA ARG D 100 19.41 -11.89 -8.31
C ARG D 100 18.94 -10.51 -7.90
N ILE D 101 17.68 -10.19 -8.18
CA ILE D 101 17.14 -8.89 -7.76
C ILE D 101 17.06 -8.81 -6.24
N VAL D 102 16.75 -9.93 -5.59
CA VAL D 102 16.78 -9.97 -4.12
C VAL D 102 18.21 -9.77 -3.62
N GLY D 103 19.18 -10.38 -4.29
CA GLY D 103 20.57 -10.20 -3.90
C GLY D 103 21.03 -8.76 -4.00
N TRP D 104 20.50 -8.01 -4.97
CA TRP D 104 20.84 -6.60 -5.08
C TRP D 104 20.24 -5.79 -3.94
N VAL D 105 19.02 -6.15 -3.52
CA VAL D 105 18.40 -5.45 -2.39
C VAL D 105 19.14 -5.77 -1.10
N ILE D 106 19.60 -7.02 -0.95
CA ILE D 106 20.36 -7.40 0.24
C ILE D 106 21.63 -6.58 0.36
N ARG D 107 22.23 -6.19 -0.78
CA ARG D 107 23.40 -5.32 -0.72
C ARG D 107 23.06 -3.99 -0.06
N SER D 108 21.88 -3.46 -0.34
CA SER D 108 21.45 -2.24 0.34
C SER D 108 21.25 -2.49 1.83
N ALA D 109 20.67 -3.63 2.20
CA ALA D 109 20.46 -3.95 3.61
C ALA D 109 21.78 -4.20 4.33
N LEU D 110 22.81 -4.66 3.60
CA LEU D 110 24.10 -4.91 4.24
C LEU D 110 24.76 -3.61 4.71
N VAL D 111 24.37 -2.47 4.15
CA VAL D 111 24.82 -1.20 4.71
C VAL D 111 24.16 -0.96 6.06
N LEU D 112 22.88 -1.32 6.19
CA LEU D 112 22.19 -1.17 7.47
C LEU D 112 22.70 -2.15 8.51
N VAL D 113 23.09 -3.36 8.08
CA VAL D 113 23.64 -4.33 9.02
C VAL D 113 24.97 -3.82 9.59
N LEU D 114 25.83 -3.28 8.72
CA LEU D 114 27.08 -2.71 9.19
C LEU D 114 26.84 -1.50 10.08
N LEU D 115 25.84 -0.68 9.73
CA LEU D 115 25.46 0.43 10.60
C LEU D 115 24.93 -0.06 11.93
N SER D 116 24.22 -1.19 11.92
CA SER D 116 23.73 -1.77 13.16
C SER D 116 24.87 -2.21 14.06
N PHE D 117 25.93 -2.78 13.48
CA PHE D 117 27.09 -3.17 14.27
C PHE D 117 27.79 -1.95 14.87
N ALA D 118 27.94 -0.89 14.09
CA ALA D 118 28.64 0.30 14.58
C ALA D 118 27.88 0.95 15.73
N LEU D 119 26.56 1.04 15.60
CA LEU D 119 25.76 1.60 16.70
C LEU D 119 25.84 0.73 17.94
N SER D 120 25.71 -0.59 17.76
CA SER D 120 25.69 -1.50 18.89
C SER D 120 27.01 -1.49 19.65
N GLU D 121 28.13 -1.47 18.91
CA GLU D 121 29.42 -1.68 19.55
C GLU D 121 29.99 -0.40 20.12
N TRP D 122 29.91 0.72 19.39
CA TRP D 122 30.65 1.91 19.76
C TRP D 122 29.80 3.15 20.02
N VAL D 123 28.57 3.21 19.54
CA VAL D 123 27.76 4.42 19.62
C VAL D 123 26.69 4.31 20.71
N VAL D 124 25.88 3.24 20.67
CA VAL D 124 24.80 3.11 21.65
C VAL D 124 25.32 3.03 23.08
N PRO D 125 26.34 2.21 23.40
CA PRO D 125 26.80 2.18 24.80
C PRO D 125 27.38 3.48 25.29
N TYR D 126 27.78 4.40 24.40
CA TYR D 126 28.28 5.69 24.83
C TYR D 126 27.17 6.70 25.04
N THR D 127 26.29 6.86 24.05
CA THR D 127 25.20 7.83 24.19
C THR D 127 24.21 7.39 25.26
N ASN D 128 24.11 6.09 25.53
CA ASN D 128 23.21 5.67 26.63
C ASN D 128 23.76 6.24 27.94
N GLU D 129 25.06 6.13 28.16
CA GLU D 129 25.65 6.62 29.44
C GLU D 129 25.45 8.12 29.53
N ARG D 130 25.63 8.83 28.42
CA ARG D 130 25.48 10.31 28.40
C ARG D 130 24.01 10.67 28.62
N ALA D 131 23.10 9.84 28.14
CA ALA D 131 21.64 10.10 28.35
C ALA D 131 21.33 9.97 29.84
N ASN D 132 21.82 8.93 30.49
CA ASN D 132 21.51 8.69 31.92
C ASN D 132 21.96 9.91 32.74
N SER D 133 23.12 10.46 32.42
CA SER D 133 23.66 11.62 33.18
C SER D 133 22.67 12.78 33.06
N VAL D 134 22.15 13.04 31.86
CA VAL D 134 21.21 14.18 31.64
C VAL D 134 20.03 14.00 32.60
N LYS D 135 19.50 12.79 32.71
CA LYS D 135 18.32 12.54 33.58
C LYS D 135 18.73 12.77 35.04
N SER D 136 19.94 12.37 35.42
CA SER D 136 20.42 12.54 36.82
C SER D 136 20.94 13.97 37.01
N GLU D 145 29.97 1.36 41.03
CA GLU D 145 28.89 2.15 41.69
C GLU D 145 27.68 1.26 41.95
N VAL D 146 27.89 -0.06 42.05
CA VAL D 146 26.76 -0.98 42.38
C VAL D 146 26.63 -1.09 43.90
N ARG D 147 25.40 -1.17 44.40
CA ARG D 147 25.16 -1.24 45.86
C ARG D 147 24.40 -2.52 46.21
N GLY D 148 24.75 -3.17 47.32
CA GLY D 148 24.07 -4.41 47.74
C GLY D 148 24.35 -5.54 46.77
N TYR D 149 25.51 -5.54 46.12
CA TYR D 149 25.80 -6.55 45.11
C TYR D 149 25.82 -7.92 45.76
N TRP D 150 24.95 -8.82 45.30
CA TRP D 150 24.92 -10.22 45.73
C TRP D 150 25.45 -11.07 44.60
N ARG D 152 27.42 -15.09 43.61
CA ARG D 152 27.80 -16.44 43.97
C ARG D 152 28.99 -16.84 43.10
N GLU D 153 30.01 -17.43 43.71
CA GLU D 153 31.19 -17.90 43.00
C GLU D 153 31.38 -19.37 43.34
N GLY D 154 30.74 -20.24 42.58
CA GLY D 154 30.81 -21.66 42.85
C GLY D 154 30.10 -22.03 44.13
N GLN D 155 30.87 -22.40 45.15
CA GLN D 155 30.34 -22.77 46.46
C GLN D 155 30.43 -21.63 47.47
N ARG D 156 30.75 -20.43 47.02
CA ARG D 156 30.90 -19.28 47.90
C ARG D 156 29.92 -18.19 47.50
N PHE D 157 29.29 -17.58 48.50
CA PHE D 157 28.36 -16.48 48.30
C PHE D 157 28.99 -15.20 48.83
N ILE D 158 29.07 -14.18 47.98
CA ILE D 158 29.76 -12.93 48.28
C ILE D 158 28.75 -11.79 48.22
N TYR D 159 28.68 -11.00 49.28
CA TYR D 159 27.83 -9.82 49.33
C TYR D 159 28.70 -8.62 49.68
N VAL D 160 28.67 -7.60 48.81
CA VAL D 160 29.40 -6.36 49.03
C VAL D 160 28.39 -5.21 48.98
N ASP D 161 28.39 -4.39 50.02
CA ASP D 161 27.42 -3.30 50.10
C ASP D 161 27.72 -2.22 49.07
N TYR D 162 28.99 -1.92 48.85
CA TYR D 162 29.41 -0.90 47.89
C TYR D 162 30.56 -1.44 47.07
N ALA D 163 30.43 -1.34 45.75
CA ALA D 163 31.48 -1.75 44.83
C ALA D 163 31.75 -0.62 43.85
N ASN D 164 33.02 -0.40 43.54
CA ASN D 164 33.44 0.70 42.67
C ASN D 164 34.27 0.14 41.53
N SER D 165 34.14 0.78 40.36
CA SER D 165 34.88 0.35 39.18
C SER D 165 36.38 0.60 39.32
N GLN D 166 36.80 1.45 40.26
CA GLN D 166 38.21 1.72 40.49
C GLN D 166 38.84 0.75 41.49
N LEU D 169 35.76 -1.36 47.88
CA LEU D 169 34.67 -2.13 48.46
C LEU D 169 34.34 -1.58 49.85
N LYS D 170 33.11 -1.82 50.28
CA LYS D 170 32.65 -1.40 51.60
C LYS D 170 31.75 -2.48 52.18
N ARG D 171 32.10 -2.94 53.38
CA ARG D 171 31.33 -3.95 54.11
C ARG D 171 31.19 -5.23 53.29
N ILE D 172 32.34 -5.85 53.01
CA ILE D 172 32.36 -7.13 52.31
C ILE D 172 31.85 -8.23 53.25
N GLN D 173 31.22 -9.24 52.65
CA GLN D 173 30.79 -10.41 53.41
C GLN D 173 30.86 -11.61 52.48
N VAL D 174 31.73 -12.56 52.81
CA VAL D 174 31.93 -13.77 52.01
C VAL D 174 31.61 -14.98 52.87
N VAL D 175 30.77 -15.87 52.36
CA VAL D 175 30.35 -17.07 53.06
C VAL D 175 30.79 -18.27 52.26
N ASP D 176 31.50 -19.19 52.92
CA ASP D 176 32.04 -20.39 52.27
C ASP D 176 31.17 -21.59 52.59
N PHE D 177 31.15 -22.55 51.66
CA PHE D 177 30.33 -23.74 51.80
C PHE D 177 31.09 -24.96 51.29
N ARG D 182 28.20 -27.07 53.96
CA ARG D 182 28.50 -26.82 55.36
C ARG D 182 29.41 -25.60 55.47
N LEU D 183 29.15 -24.76 56.47
CA LEU D 183 29.87 -23.52 56.62
C LEU D 183 31.34 -23.77 56.97
N LYS D 184 32.22 -22.91 56.43
CA LYS D 184 33.61 -22.82 56.88
C LYS D 184 33.90 -21.46 57.52
N SER D 185 33.66 -20.38 56.79
CA SER D 185 34.07 -19.06 57.25
C SER D 185 33.09 -18.01 56.75
N VAL D 186 32.68 -17.12 57.66
CA VAL D 186 31.93 -15.93 57.28
C VAL D 186 32.80 -14.72 57.58
N THR D 187 33.56 -14.28 56.59
CA THR D 187 34.51 -13.18 56.76
C THR D 187 33.86 -11.85 56.40
N ASN D 188 34.14 -10.83 57.19
CA ASN D 188 33.62 -9.49 56.96
C ASN D 188 34.76 -8.49 57.01
N ALA D 189 34.66 -7.46 56.17
CA ALA D 189 35.66 -6.41 56.10
C ALA D 189 34.96 -5.06 56.09
N GLU D 190 35.74 -3.98 56.16
CA GLU D 190 35.15 -2.61 56.11
C GLU D 190 35.51 -1.95 54.78
N GLN D 191 36.76 -2.10 54.33
CA GLN D 191 37.14 -1.56 53.04
C GLN D 191 37.91 -2.62 52.26
N LEU D 228 39.04 -14.03 45.74
CA LEU D 228 37.66 -13.84 45.32
C LEU D 228 37.69 -13.36 43.87
N ALA D 229 36.72 -13.82 43.08
CA ALA D 229 36.76 -13.68 41.63
C ALA D 229 36.12 -12.41 41.12
N LEU D 230 35.65 -11.52 41.99
CA LEU D 230 35.05 -10.28 41.54
C LEU D 230 36.09 -9.40 40.87
N GLN D 231 35.71 -8.79 39.75
CA GLN D 231 36.61 -7.91 39.01
C GLN D 231 35.94 -6.55 38.79
N PRO D 232 36.67 -5.46 39.02
CA PRO D 232 36.05 -4.12 38.87
C PRO D 232 35.64 -3.80 37.44
N LYS D 233 36.18 -4.50 36.44
CA LYS D 233 35.86 -4.19 35.05
C LYS D 233 34.38 -4.43 34.75
N TYR D 234 33.81 -5.50 35.30
CA TYR D 234 32.42 -5.84 35.07
C TYR D 234 31.48 -5.29 36.12
N VAL D 235 31.97 -4.48 37.06
CA VAL D 235 31.10 -3.93 38.09
C VAL D 235 30.06 -2.99 37.47
N HIS D 236 30.49 -2.14 36.54
CA HIS D 236 29.56 -1.20 35.92
C HIS D 236 28.57 -1.88 34.99
N MET D 237 28.77 -3.16 34.65
CA MET D 237 27.84 -3.90 33.82
C MET D 237 26.76 -4.62 34.63
N VAL D 238 26.85 -4.61 35.96
CA VAL D 238 25.89 -5.33 36.78
C VAL D 238 24.51 -4.66 36.71
N THR D 239 24.48 -3.33 36.83
CA THR D 239 23.21 -2.62 36.83
C THR D 239 22.62 -2.54 35.42
N ILE D 240 23.46 -2.61 34.39
CA ILE D 240 22.98 -2.50 33.02
C ILE D 240 22.16 -3.74 32.66
N ASP D 241 21.01 -3.53 32.03
CA ASP D 241 20.18 -4.63 31.60
C ASP D 241 20.92 -5.49 30.57
N PRO D 242 20.67 -6.80 30.56
CA PRO D 242 21.35 -7.65 29.58
C PRO D 242 21.07 -7.25 28.14
N GLU D 243 19.86 -6.75 27.86
CA GLU D 243 19.54 -6.29 26.51
C GLU D 243 20.41 -5.11 26.11
N ASP D 244 20.63 -4.16 27.04
CA ASP D 244 21.33 -2.92 26.71
C ASP D 244 22.83 -3.13 26.51
N LEU D 245 23.40 -4.21 27.03
CA LEU D 245 24.82 -4.43 26.89
C LEU D 245 25.20 -4.67 25.43
N SER D 246 26.30 -4.05 25.01
CA SER D 246 26.82 -4.30 23.67
C SER D 246 27.38 -5.70 23.58
N PHE D 247 27.56 -6.18 22.34
CA PHE D 247 28.02 -7.54 22.14
C PHE D 247 29.41 -7.75 22.71
N SER D 248 30.29 -6.75 22.58
CA SER D 248 31.61 -6.84 23.19
C SER D 248 31.50 -6.93 24.71
N GLN D 249 30.60 -6.14 25.30
CA GLN D 249 30.41 -6.20 26.74
C GLN D 249 29.68 -7.46 27.16
N LEU D 250 28.69 -7.89 26.37
CA LEU D 250 27.85 -9.02 26.76
C LEU D 250 28.66 -10.31 26.79
N VAL D 251 29.40 -10.60 25.72
CA VAL D 251 30.14 -11.85 25.64
C VAL D 251 31.23 -11.89 26.70
N SER D 252 31.92 -10.76 26.91
CA SER D 252 32.94 -10.70 27.95
C SER D 252 32.34 -10.92 29.34
N PHE D 253 31.17 -10.32 29.60
CA PHE D 253 30.52 -10.52 30.89
C PHE D 253 30.03 -11.95 31.07
N MET D 254 29.44 -12.52 30.02
CA MET D 254 28.98 -13.91 30.09
C MET D 254 30.13 -14.87 30.30
N ASN D 255 31.26 -14.63 29.62
CA ASN D 255 32.44 -15.46 29.83
C ASN D 255 32.96 -15.33 31.25
N TYR D 256 32.79 -14.16 31.86
CA TYR D 256 33.24 -13.97 33.24
C TYR D 256 32.34 -14.71 34.22
N MET D 257 31.02 -14.62 34.04
CA MET D 257 30.10 -15.33 34.92
C MET D 257 30.25 -16.84 34.75
N ARG D 258 30.37 -17.31 33.51
CA ARG D 258 30.44 -18.74 33.26
C ARG D 258 31.69 -19.36 33.88
N GLU D 259 32.75 -18.58 34.06
CA GLU D 259 33.97 -19.11 34.64
C GLU D 259 33.86 -19.34 36.14
N TYR D 260 32.89 -18.70 36.80
CA TYR D 260 32.75 -18.80 38.25
C TYR D 260 31.35 -19.10 38.74
N SER D 261 30.32 -18.94 37.92
CA SER D 261 28.96 -19.19 38.34
C SER D 261 28.13 -19.56 37.11
N GLN D 262 26.81 -19.53 37.28
CA GLN D 262 25.90 -19.85 36.20
C GLN D 262 25.34 -18.57 35.58
N VAL D 263 25.35 -18.51 34.26
CA VAL D 263 24.82 -17.35 33.55
C VAL D 263 23.30 -17.43 33.53
N PRO D 264 22.60 -16.37 33.91
CA PRO D 264 21.13 -16.40 33.91
C PRO D 264 20.57 -16.48 32.50
N LYS D 265 19.33 -16.96 32.41
CA LYS D 265 18.70 -17.11 31.10
C LYS D 265 18.36 -15.75 30.48
N THR D 266 18.35 -14.68 31.26
CA THR D 266 18.14 -13.36 30.69
C THR D 266 19.38 -12.82 29.99
N TYR D 267 20.55 -13.40 30.26
CA TYR D 267 21.76 -13.05 29.53
C TYR D 267 21.93 -13.93 28.30
N GLN D 268 21.50 -15.19 28.38
CA GLN D 268 21.51 -16.06 27.21
C GLN D 268 20.57 -15.54 26.14
N LEU D 269 19.38 -15.07 26.54
CA LEU D 269 18.45 -14.51 25.59
C LEU D 269 19.01 -13.24 24.96
N ALA D 270 19.65 -12.39 25.76
CA ALA D 270 20.25 -11.17 25.22
C ALA D 270 21.36 -11.49 24.23
N PHE D 271 22.15 -12.53 24.51
CA PHE D 271 23.21 -12.93 23.59
C PHE D 271 22.62 -13.41 22.27
N TRP D 272 21.56 -14.21 22.32
CA TRP D 272 20.98 -14.74 21.10
C TRP D 272 20.19 -13.68 20.36
N LYS D 273 19.62 -12.70 21.06
CA LYS D 273 18.89 -11.63 20.41
C LYS D 273 19.83 -10.67 19.69
N LYS D 274 21.13 -10.71 19.98
CA LYS D 274 22.12 -9.88 19.32
C LYS D 274 22.83 -10.59 18.18
N VAL D 275 23.20 -11.86 18.37
CA VAL D 275 23.86 -12.60 17.31
C VAL D 275 22.90 -12.88 16.15
N ALA D 276 21.59 -12.88 16.42
CA ALA D 276 20.58 -13.07 15.39
C ALA D 276 19.93 -11.77 14.95
N SER D 277 20.56 -10.64 15.25
CA SER D 277 20.06 -9.33 14.82
C SER D 277 20.40 -9.06 13.36
N PRO D 278 21.64 -9.28 12.90
CA PRO D 278 21.90 -9.15 11.46
C PRO D 278 21.09 -10.11 10.61
N PHE D 279 20.85 -11.32 11.10
CA PHE D 279 20.10 -12.31 10.32
C PHE D 279 18.61 -12.04 10.31
N ALA D 280 18.10 -11.28 11.26
CA ALA D 280 16.71 -10.84 11.23
C ALA D 280 16.50 -9.64 10.34
N LEU D 281 17.55 -8.84 10.11
CA LEU D 281 17.44 -7.71 9.19
C LEU D 281 17.44 -8.19 7.74
N ILE D 282 18.30 -9.16 7.41
CA ILE D 282 18.36 -9.68 6.05
C ILE D 282 17.12 -10.52 5.74
N THR D 283 16.71 -11.36 6.69
CA THR D 283 15.53 -12.19 6.48
C THR D 283 14.28 -11.33 6.29
N LEU D 284 14.16 -10.25 7.07
CA LEU D 284 12.98 -9.40 6.94
C LEU D 284 13.02 -8.60 5.64
N VAL D 285 14.22 -8.36 5.08
CA VAL D 285 14.32 -7.76 3.77
C VAL D 285 13.88 -8.76 2.69
N LEU D 286 14.33 -10.01 2.81
CA LEU D 286 13.96 -11.02 1.82
C LEU D 286 12.46 -11.24 1.80
N VAL D 287 11.82 -11.18 2.97
CA VAL D 287 10.36 -11.29 3.02
C VAL D 287 9.72 -10.11 2.31
N ALA D 288 10.29 -8.90 2.48
CA ALA D 288 9.77 -7.73 1.78
C ALA D 288 9.91 -7.89 0.27
N CYS D 289 11.05 -8.39 -0.19
CA CYS D 289 11.24 -8.59 -1.62
C CYS D 289 10.28 -9.64 -2.17
N SER D 290 10.08 -10.73 -1.44
CA SER D 290 9.16 -11.78 -1.91
C SER D 290 7.72 -11.29 -1.96
N PHE D 291 7.34 -10.39 -1.06
CA PHE D 291 5.99 -9.84 -1.09
C PHE D 291 5.78 -8.98 -2.33
N ILE D 292 6.81 -8.23 -2.74
CA ILE D 292 6.70 -7.39 -3.92
C ILE D 292 6.47 -8.23 -5.17
N PHE D 293 7.21 -9.34 -5.29
CA PHE D 293 7.02 -10.25 -6.41
C PHE D 293 5.79 -11.14 -6.25
N GLY D 294 5.20 -11.21 -5.06
CA GLY D 294 4.10 -12.09 -4.81
C GLY D 294 2.81 -11.37 -4.47
N PRO D 295 2.40 -11.44 -3.19
CA PRO D 295 1.10 -10.87 -2.81
C PRO D 295 0.97 -9.38 -3.08
N LEU D 296 2.02 -8.61 -2.87
CA LEU D 296 1.95 -7.15 -2.98
C LEU D 296 2.29 -6.65 -4.38
N ARG D 297 2.20 -7.51 -5.38
CA ARG D 297 2.40 -7.08 -6.76
C ARG D 297 1.12 -6.45 -7.29
N GLN D 298 1.28 -5.34 -8.00
CA GLN D 298 0.21 -4.52 -8.58
C GLN D 298 -0.61 -3.77 -7.54
N GLN D 299 -0.26 -3.86 -6.27
CA GLN D 299 -0.97 -3.10 -5.25
C GLN D 299 -0.49 -1.65 -5.24
N SER D 300 -1.26 -0.80 -4.59
CA SER D 300 -0.90 0.61 -4.48
C SER D 300 0.35 0.77 -3.61
N MET D 301 0.97 1.94 -3.73
CA MET D 301 2.12 2.24 -2.87
C MET D 301 1.69 2.42 -1.43
N GLY D 302 0.50 2.98 -1.19
CA GLY D 302 0.02 3.10 0.17
C GLY D 302 -0.29 1.76 0.81
N PHE D 303 -0.85 0.83 0.04
CA PHE D 303 -1.16 -0.49 0.58
C PHE D 303 0.11 -1.25 0.93
N ARG D 304 1.15 -1.14 0.10
CA ARG D 304 2.41 -1.79 0.40
C ARG D 304 3.02 -1.21 1.68
N LEU D 305 2.94 0.11 1.85
CA LEU D 305 3.46 0.73 3.06
C LEU D 305 2.66 0.30 4.28
N VAL D 306 1.34 0.18 4.14
CA VAL D 306 0.51 -0.28 5.26
C VAL D 306 0.86 -1.72 5.63
N ILE D 307 1.00 -2.59 4.62
CA ILE D 307 1.35 -3.98 4.89
C ILE D 307 2.76 -4.07 5.46
N ALA D 308 3.68 -3.23 4.96
CA ALA D 308 5.04 -3.23 5.51
C ALA D 308 5.04 -2.81 6.96
N LEU D 309 4.07 -2.01 7.39
CA LEU D 309 3.95 -1.65 8.80
C LEU D 309 3.37 -2.78 9.63
N PHE D 310 2.50 -3.59 9.06
CA PHE D 310 1.94 -4.72 9.80
C PHE D 310 2.96 -5.83 9.99
N ILE D 311 3.80 -6.06 8.98
CA ILE D 311 4.87 -7.04 9.13
C ILE D 311 5.90 -6.55 10.14
N GLY D 312 6.18 -5.25 10.15
CA GLY D 312 7.11 -4.71 11.11
C GLY D 312 6.64 -4.85 12.54
N LEU D 313 5.37 -4.51 12.79
CA LEU D 313 4.81 -4.70 14.12
C LEU D 313 4.66 -6.18 14.45
N GLY D 314 4.20 -6.97 13.48
CA GLY D 314 4.06 -8.39 13.72
C GLY D 314 5.38 -9.04 14.06
N PHE D 315 6.47 -8.59 13.43
CA PHE D 315 7.79 -9.11 13.74
C PHE D 315 8.30 -8.58 15.08
N TYR D 316 8.08 -7.30 15.37
CA TYR D 316 8.50 -6.76 16.65
C TYR D 316 7.73 -7.39 17.81
N TYR D 317 6.43 -7.61 17.65
CA TYR D 317 5.67 -8.28 18.70
C TYR D 317 6.06 -9.74 18.82
N LEU D 318 6.26 -10.42 17.69
CA LEU D 318 6.63 -11.83 17.74
C LEU D 318 8.00 -12.03 18.38
N GLN D 319 8.96 -11.17 18.07
CA GLN D 319 10.27 -11.30 18.68
C GLN D 319 10.27 -10.84 20.13
N ASP D 320 9.38 -9.91 20.50
CA ASP D 320 9.24 -9.54 21.90
C ASP D 320 8.60 -10.67 22.70
N PHE D 321 7.49 -11.23 22.19
CA PHE D 321 6.80 -12.28 22.93
C PHE D 321 7.64 -13.54 23.05
N LEU D 322 8.27 -13.97 21.95
CA LEU D 322 9.10 -15.16 22.02
C LEU D 322 10.39 -14.94 22.80
N GLY D 323 10.83 -13.69 22.94
CA GLY D 323 11.90 -13.41 23.88
C GLY D 323 11.47 -13.65 25.32
N TYR D 324 10.26 -13.19 25.67
CA TYR D 324 9.73 -13.44 27.01
C TYR D 324 9.43 -14.91 27.23
N ALA D 325 8.91 -15.59 26.22
CA ALA D 325 8.59 -17.01 26.35
C ALA D 325 9.84 -17.86 26.57
N SER D 326 11.00 -17.38 26.16
CA SER D 326 12.24 -18.12 26.39
C SER D 326 12.72 -18.03 27.83
N LEU D 327 12.25 -17.02 28.58
CA LEU D 327 12.61 -16.89 29.99
C LEU D 327 11.67 -17.63 30.91
N VAL D 328 10.58 -18.19 30.40
CA VAL D 328 9.62 -18.93 31.21
C VAL D 328 9.56 -20.40 30.86
N TYR D 329 10.10 -20.81 29.71
CA TYR D 329 10.03 -22.19 29.26
C TYR D 329 11.42 -22.81 29.21
N ASN D 330 11.45 -24.14 29.32
CA ASN D 330 12.71 -24.86 29.41
C ASN D 330 13.64 -24.70 28.21
N PRO D 331 13.17 -24.76 26.95
CA PRO D 331 14.13 -24.79 25.83
C PRO D 331 15.00 -23.54 25.78
N SER D 332 16.17 -23.70 25.16
CA SER D 332 17.15 -22.63 25.09
C SER D 332 16.58 -21.44 24.31
N PRO D 333 17.02 -20.22 24.61
CA PRO D 333 16.53 -19.05 23.87
C PRO D 333 16.88 -19.06 22.39
N ALA D 334 17.82 -19.91 21.97
CA ALA D 334 18.16 -19.99 20.55
C ALA D 334 16.96 -20.43 19.72
N TRP D 335 16.16 -21.36 20.25
CA TRP D 335 14.99 -21.82 19.52
C TRP D 335 13.99 -20.69 19.31
N PHE D 336 13.77 -19.88 20.34
CA PHE D 336 12.77 -18.82 20.27
C PHE D 336 13.25 -17.63 19.45
N VAL D 337 14.56 -17.35 19.47
CA VAL D 337 15.09 -16.21 18.74
C VAL D 337 15.31 -16.55 17.27
N LEU D 338 15.89 -17.72 17.00
CA LEU D 338 16.11 -18.17 15.63
C LEU D 338 14.91 -18.88 15.04
N GLY D 339 13.80 -18.95 15.76
CA GLY D 339 12.59 -19.57 15.26
C GLY D 339 11.98 -18.80 14.11
N PRO D 340 11.48 -17.59 14.39
CA PRO D 340 10.88 -16.79 13.31
C PRO D 340 11.84 -16.48 12.17
N ILE D 341 13.12 -16.26 12.48
CA ILE D 341 14.08 -15.90 11.45
C ILE D 341 14.22 -17.03 10.44
N VAL D 342 14.28 -18.27 10.93
CA VAL D 342 14.38 -19.41 10.02
C VAL D 342 13.06 -19.61 9.28
N LEU D 343 11.93 -19.47 9.98
CA LEU D 343 10.64 -19.68 9.33
C LEU D 343 10.32 -18.59 8.32
N MET D 344 10.62 -17.34 8.64
CA MET D 344 10.37 -16.26 7.67
C MET D 344 11.28 -16.41 6.45
N PHE D 345 12.52 -16.86 6.65
CA PHE D 345 13.40 -17.10 5.53
C PHE D 345 12.86 -18.23 4.65
N VAL D 346 12.36 -19.30 5.27
CA VAL D 346 11.81 -20.42 4.51
C VAL D 346 10.51 -19.99 3.82
N ALA D 347 9.63 -19.33 4.56
CA ALA D 347 8.38 -18.86 3.96
C ALA D 347 8.63 -17.76 2.95
N GLY D 348 9.57 -16.87 3.23
CA GLY D 348 9.90 -15.82 2.28
C GLY D 348 10.55 -16.36 1.02
N SER D 349 11.40 -17.37 1.16
CA SER D 349 12.03 -17.99 -0.01
C SER D 349 11.06 -18.86 -0.79
N TYR D 350 9.96 -19.30 -0.17
CA TYR D 350 8.94 -20.03 -0.91
C TYR D 350 8.12 -19.10 -1.79
N LEU D 351 7.76 -17.92 -1.26
CA LEU D 351 7.05 -16.94 -2.07
C LEU D 351 7.88 -16.48 -3.25
N LEU D 352 9.20 -16.55 -3.15
CA LEU D 352 10.06 -16.27 -4.27
C LEU D 352 10.12 -17.43 -5.27
N TYR D 353 9.99 -18.66 -4.78
CA TYR D 353 9.94 -19.80 -5.68
C TYR D 353 8.66 -19.82 -6.49
N ARG D 354 7.56 -19.35 -5.91
CA ARG D 354 6.31 -19.23 -6.66
C ARG D 354 6.38 -18.12 -7.70
N ALA D 355 7.43 -17.30 -7.68
CA ALA D 355 7.63 -16.22 -8.64
C ALA D 355 6.50 -15.20 -8.57
#